data_5ZIC
#
_entry.id   5ZIC
#
_cell.length_a   70.421
_cell.length_b   89.202
_cell.length_c   92.234
_cell.angle_alpha   90.00
_cell.angle_beta   105.55
_cell.angle_gamma   90.00
#
_symmetry.space_group_name_H-M   'P 1 21 1'
#
loop_
_entity.id
_entity.type
_entity.pdbx_description
1 polymer 'Alpha-1,6-mannosylglycoprotein 6-beta-N-acetylglucosaminyltransferase A'
2 branched 2-acetamido-2-deoxy-beta-D-glucopyranose-(1-2)-6-thio-alpha-D-mannopyranose-(1-6)-beta-D-mannopyranose
3 water water
#
_entity_poly.entity_id   1
_entity_poly.type   'polypeptide(L)'
_entity_poly.pdbx_seq_one_letter_code
;GKDGSNSLAEIRTDFNILYSMMKKHEEFRWMRLRIRRMADAWIQAIKSLAEKQNLEKRKRKKVLVHLGLLTKESGFKIAE
TAFSGGPLGELVQWSDLITSLYLLGHDIRISASLAELKEIMKGGGGIVELIYIDIVGLAQFKKTLGPSWVHYQCMLRVLD
SFGTEPEFNHANYAQSKGHKTPWGKWNLNPQQFYTMFPHTPDNSFLGFVVEQHLNSSDIHHINEIKRQNQSLVYGKVDSF
WKNKKIYLDIIHTYMEVHATVYGSSTKNIPSYVKNHGILSGRDLQFLLRETKLFVGLGFPYEGPAPLEAIANGCAFLNPK
FNPPKSSKNTDFFIGKPTLRELTSQHPYAEVFIGRPHVWTVDLNNQEEVEDAVKAILNQKIEPYMPYEFTCEGMLQRINA
FIEKQDFCHGQVMWPPLSALQVKLAEPGQSCKQVCQESQLICEPSFFQHLNKDKDMLKYKVTCQSSELAKDILVPSFDPK
NKHCVFQGDLLLFSCAGAHPRHQRVCPCRDFIKGQVALCKDCL
;
_entity_poly.pdbx_strand_id   A,B
#
# COMPACT_ATOMS: atom_id res chain seq x y z
N SER A 7 33.80 22.09 20.33
CA SER A 7 34.18 20.76 19.88
C SER A 7 32.94 19.90 19.61
N LEU A 8 31.77 20.51 19.71
CA LEU A 8 30.52 19.82 19.43
C LEU A 8 30.08 20.08 18.00
N ALA A 9 29.50 19.07 17.36
CA ALA A 9 29.04 19.20 15.99
C ALA A 9 27.87 20.18 15.93
N GLU A 10 27.88 21.03 14.91
CA GLU A 10 26.80 21.97 14.62
C GLU A 10 26.31 21.69 13.22
N ILE A 11 25.01 21.42 13.08
CA ILE A 11 24.46 21.11 11.76
C ILE A 11 24.71 22.30 10.83
N ARG A 12 24.94 21.99 9.56
CA ARG A 12 25.20 23.01 8.55
C ARG A 12 24.00 23.12 7.63
N THR A 13 23.70 24.35 7.23
CA THR A 13 22.62 24.62 6.29
C THR A 13 23.07 25.43 5.09
N ASP A 14 24.36 25.70 4.96
CA ASP A 14 24.93 26.41 3.82
C ASP A 14 26.03 25.55 3.21
N PHE A 15 25.99 25.37 1.89
CA PHE A 15 26.87 24.44 1.21
C PHE A 15 28.14 25.08 0.66
N ASN A 16 28.36 26.38 0.88
CA ASN A 16 29.49 27.06 0.27
C ASN A 16 30.81 26.38 0.62
N ILE A 17 30.99 26.02 1.90
CA ILE A 17 32.23 25.35 2.30
C ILE A 17 32.35 23.99 1.65
N LEU A 18 31.22 23.31 1.42
CA LEU A 18 31.28 22.01 0.75
C LEU A 18 31.64 22.15 -0.72
N TYR A 19 31.20 23.22 -1.39
CA TYR A 19 31.57 23.42 -2.78
C TYR A 19 33.07 23.68 -2.92
N SER A 20 33.63 24.50 -2.03
CA SER A 20 35.08 24.76 -2.07
C SER A 20 35.87 23.49 -1.80
N MET A 21 35.39 22.65 -0.89
CA MET A 21 36.06 21.37 -0.64
C MET A 21 36.03 20.48 -1.87
N MET A 22 34.86 20.34 -2.50
CA MET A 22 34.73 19.43 -3.63
C MET A 22 35.42 19.97 -4.88
N LYS A 23 35.56 21.29 -4.99
CA LYS A 23 36.18 21.87 -6.18
C LYS A 23 37.67 21.57 -6.27
N LYS A 24 38.31 21.22 -5.15
CA LYS A 24 39.72 20.85 -5.18
C LYS A 24 39.96 19.56 -5.96
N HIS A 25 38.91 18.85 -6.34
CA HIS A 25 39.02 17.59 -7.08
C HIS A 25 38.12 17.68 -8.30
N GLU A 26 38.72 17.62 -9.48
CA GLU A 26 37.97 17.81 -10.72
C GLU A 26 36.84 16.78 -10.88
N GLU A 27 37.05 15.56 -10.38
CA GLU A 27 36.08 14.49 -10.59
C GLU A 27 34.73 14.73 -9.94
N PHE A 28 34.63 15.69 -9.02
CA PHE A 28 33.37 16.00 -8.37
C PHE A 28 32.58 17.11 -9.06
N ARG A 29 32.93 17.43 -10.33
CA ARG A 29 32.30 18.55 -11.02
C ARG A 29 30.78 18.38 -11.10
N TRP A 30 30.32 17.19 -11.50
CA TRP A 30 28.89 16.97 -11.64
C TRP A 30 28.20 16.70 -10.32
N MET A 31 28.94 16.31 -9.28
CA MET A 31 28.35 16.16 -7.96
C MET A 31 28.07 17.51 -7.33
N ARG A 32 28.92 18.49 -7.59
CA ARG A 32 28.63 19.86 -7.15
C ARG A 32 27.34 20.37 -7.78
N LEU A 33 27.10 20.01 -9.05
CA LEU A 33 25.86 20.39 -9.70
C LEU A 33 24.67 19.64 -9.10
N ARG A 34 24.88 18.37 -8.73
CA ARG A 34 23.81 17.57 -8.14
C ARG A 34 23.42 18.08 -6.76
N ILE A 35 24.42 18.50 -5.96
CA ILE A 35 24.13 19.01 -4.62
C ILE A 35 23.34 20.31 -4.71
N ARG A 36 23.71 21.20 -5.63
CA ARG A 36 23.01 22.47 -5.79
C ARG A 36 21.54 22.24 -6.12
N ARG A 37 21.25 21.24 -6.96
CA ARG A 37 19.86 20.90 -7.25
C ARG A 37 19.17 20.38 -6.00
N MET A 38 19.83 19.49 -5.26
CA MET A 38 19.25 18.83 -4.10
C MET A 38 19.42 19.62 -2.81
N ALA A 39 19.87 20.88 -2.89
CA ALA A 39 20.18 21.65 -1.69
C ALA A 39 18.96 21.76 -0.78
N ASP A 40 17.81 22.14 -1.33
CA ASP A 40 16.61 22.31 -0.53
C ASP A 40 16.18 21.01 0.12
N ALA A 41 16.27 19.90 -0.62
CA ALA A 41 15.91 18.61 -0.05
C ALA A 41 16.84 18.22 1.09
N TRP A 42 18.13 18.54 0.95
CA TRP A 42 19.09 18.23 2.01
C TRP A 42 18.83 19.08 3.25
N ILE A 43 18.66 20.38 3.07
CA ILE A 43 18.51 21.29 4.21
C ILE A 43 17.19 21.03 4.93
N GLN A 44 16.14 20.71 4.19
CA GLN A 44 14.88 20.34 4.83
C GLN A 44 15.01 19.03 5.59
N ALA A 45 15.84 18.11 5.11
CA ALA A 45 15.99 16.82 5.77
C ALA A 45 16.81 16.92 7.04
N ILE A 46 17.89 17.70 7.03
CA ILE A 46 18.72 17.84 8.22
C ILE A 46 17.94 18.60 9.30
N LYS A 47 17.15 19.59 8.90
CA LYS A 47 16.29 20.29 9.86
C LYS A 47 15.21 19.37 10.41
N SER A 48 14.63 18.54 9.54
CA SER A 48 13.60 17.60 10.00
C SER A 48 14.18 16.57 10.96
N LEU A 49 15.40 16.11 10.70
CA LEU A 49 16.03 15.14 11.59
C LEU A 49 16.33 15.76 12.95
N ALA A 50 16.75 17.02 12.97
CA ALA A 50 17.02 17.69 14.23
C ALA A 50 15.75 17.91 15.05
N GLU A 51 14.58 17.95 14.40
CA GLU A 51 13.34 18.11 15.13
C GLU A 51 12.82 16.79 15.69
N LYS A 52 13.03 15.69 14.97
CA LYS A 52 12.48 14.39 15.35
C LYS A 52 13.36 13.61 16.31
N GLN A 53 14.66 13.93 16.39
CA GLN A 53 15.58 13.23 17.26
C GLN A 53 16.47 14.25 17.97
N ASN A 54 17.08 13.80 19.07
CA ASN A 54 17.99 14.65 19.84
C ASN A 54 19.37 14.54 19.21
N LEU A 55 19.73 15.54 18.41
CA LEU A 55 21.05 15.59 17.76
C LEU A 55 22.00 16.52 18.49
N GLU A 56 21.67 16.94 19.71
CA GLU A 56 22.52 17.86 20.44
C GLU A 56 23.69 17.12 21.09
N LYS A 57 24.74 17.89 21.37
CA LYS A 57 25.89 17.42 22.14
C LYS A 57 26.63 16.27 21.46
N ARG A 58 26.49 16.16 20.13
CA ARG A 58 27.31 15.23 19.37
C ARG A 58 28.73 15.76 19.24
N LYS A 59 29.71 14.89 19.46
CA LYS A 59 31.10 15.30 19.31
C LYS A 59 31.42 15.56 17.85
N ARG A 60 32.15 16.65 17.61
CA ARG A 60 32.66 16.88 16.26
C ARG A 60 33.77 15.90 15.96
N LYS A 61 33.67 15.21 14.82
CA LYS A 61 34.64 14.21 14.41
C LYS A 61 35.44 14.71 13.22
N LYS A 62 36.76 14.55 13.31
CA LYS A 62 37.62 14.74 12.15
C LYS A 62 37.62 13.46 11.33
N VAL A 63 37.17 13.56 10.09
CA VAL A 63 36.86 12.39 9.27
C VAL A 63 37.72 12.43 8.01
N LEU A 64 38.44 11.33 7.77
CA LEU A 64 39.15 11.14 6.52
C LEU A 64 38.25 10.42 5.52
N VAL A 65 38.18 10.95 4.30
CA VAL A 65 37.47 10.32 3.21
C VAL A 65 38.47 10.16 2.07
N HIS A 66 38.95 8.94 1.87
CA HIS A 66 39.97 8.66 0.86
C HIS A 66 39.33 7.86 -0.26
N LEU A 67 39.29 8.44 -1.46
CA LEU A 67 38.72 7.80 -2.64
C LEU A 67 39.84 7.11 -3.38
N GLY A 68 40.05 5.83 -3.06
CA GLY A 68 41.12 5.08 -3.71
C GLY A 68 40.89 4.92 -5.20
N LEU A 69 39.62 4.79 -5.60
CA LEU A 69 39.30 4.59 -7.02
C LEU A 69 39.65 5.81 -7.86
N LEU A 70 39.86 6.97 -7.25
CA LEU A 70 40.22 8.17 -8.00
C LEU A 70 41.72 8.39 -8.08
N THR A 71 42.50 7.69 -7.27
CA THR A 71 43.95 7.76 -7.40
C THR A 71 44.39 7.12 -8.70
N LYS A 72 45.43 7.69 -9.33
CA LYS A 72 45.94 7.13 -10.57
C LYS A 72 46.68 5.83 -10.35
N GLU A 73 47.11 5.55 -9.11
CA GLU A 73 47.80 4.29 -8.83
C GLU A 73 46.87 3.09 -8.96
N SER A 74 45.57 3.29 -8.73
CA SER A 74 44.63 2.19 -8.82
C SER A 74 44.48 1.68 -10.24
N GLY A 75 44.74 2.54 -11.23
CA GLY A 75 44.47 2.22 -12.61
C GLY A 75 43.02 2.34 -13.03
N PHE A 76 42.12 2.65 -12.10
CA PHE A 76 40.70 2.70 -12.39
C PHE A 76 40.37 3.95 -13.21
N GLU A 90 28.85 4.67 -7.99
CA GLU A 90 30.20 4.91 -7.51
C GLU A 90 30.30 6.28 -6.83
N LEU A 91 30.36 7.34 -7.64
CA LEU A 91 30.60 8.67 -7.10
C LEU A 91 29.37 9.29 -6.46
N VAL A 92 28.17 8.81 -6.78
CA VAL A 92 26.97 9.33 -6.13
C VAL A 92 26.96 8.96 -4.65
N GLN A 93 27.38 7.75 -4.32
CA GLN A 93 27.42 7.33 -2.93
C GLN A 93 28.44 8.16 -2.14
N TRP A 94 29.65 8.33 -2.70
CA TRP A 94 30.66 9.16 -2.05
C TRP A 94 30.12 10.56 -1.77
N SER A 95 29.49 11.17 -2.78
CA SER A 95 28.97 12.53 -2.61
C SER A 95 27.89 12.58 -1.53
N ASP A 96 26.97 11.61 -1.54
CA ASP A 96 25.91 11.60 -0.54
C ASP A 96 26.45 11.30 0.85
N LEU A 97 27.52 10.51 0.94
CA LEU A 97 28.18 10.31 2.23
C LEU A 97 28.83 11.60 2.71
N ILE A 98 29.57 12.28 1.84
CA ILE A 98 30.23 13.52 2.20
C ILE A 98 29.22 14.59 2.57
N THR A 99 28.15 14.70 1.76
CA THR A 99 27.10 15.67 2.06
C THR A 99 26.47 15.41 3.42
N SER A 100 26.20 14.13 3.73
CA SER A 100 25.61 13.80 5.02
C SER A 100 26.54 14.17 6.17
N LEU A 101 27.82 13.80 6.05
CA LEU A 101 28.79 14.19 7.06
C LEU A 101 28.85 15.71 7.21
N TYR A 102 28.83 16.43 6.09
CA TYR A 102 28.91 17.88 6.12
C TYR A 102 27.70 18.49 6.83
N LEU A 103 26.50 18.05 6.46
CA LEU A 103 25.29 18.57 7.08
C LEU A 103 25.22 18.23 8.57
N LEU A 104 25.79 17.10 8.97
CA LEU A 104 25.84 16.73 10.38
C LEU A 104 26.87 17.52 11.16
N GLY A 105 27.71 18.29 10.49
CA GLY A 105 28.62 19.21 11.17
C GLY A 105 29.99 18.69 11.46
N HIS A 106 30.43 17.62 10.81
CA HIS A 106 31.73 17.04 11.09
C HIS A 106 32.80 17.67 10.19
N ASP A 107 34.06 17.38 10.51
CA ASP A 107 35.22 17.98 9.84
C ASP A 107 35.75 16.98 8.83
N ILE A 108 35.48 17.25 7.55
CA ILE A 108 35.75 16.32 6.47
C ILE A 108 37.08 16.68 5.82
N ARG A 109 37.95 15.68 5.65
CA ARG A 109 39.20 15.82 4.92
C ARG A 109 39.14 14.85 3.74
N ILE A 110 38.89 15.39 2.55
CA ILE A 110 38.75 14.57 1.35
C ILE A 110 40.14 14.31 0.77
N SER A 111 40.40 13.05 0.40
CA SER A 111 41.68 12.65 -0.16
C SER A 111 41.44 11.89 -1.46
N ALA A 112 42.20 12.23 -2.50
CA ALA A 112 42.08 11.56 -3.79
C ALA A 112 43.44 11.20 -4.38
N SER A 113 44.47 11.09 -3.56
CA SER A 113 45.80 10.73 -4.03
C SER A 113 46.59 10.18 -2.85
N LEU A 114 47.73 9.55 -3.15
CA LEU A 114 48.62 9.10 -2.09
C LEU A 114 49.19 10.27 -1.31
N ALA A 115 49.35 11.42 -1.96
CA ALA A 115 49.96 12.58 -1.30
C ALA A 115 49.05 13.12 -0.20
N GLU A 116 47.78 13.39 -0.53
CA GLU A 116 46.86 13.91 0.46
C GLU A 116 46.61 12.90 1.57
N LEU A 117 46.52 11.61 1.22
CA LEU A 117 46.36 10.58 2.24
C LEU A 117 47.53 10.59 3.22
N LYS A 118 48.76 10.75 2.71
CA LYS A 118 49.92 10.84 3.59
C LYS A 118 49.84 12.05 4.49
N GLU A 119 49.44 13.20 3.94
CA GLU A 119 49.40 14.43 4.73
C GLU A 119 48.38 14.34 5.85
N ILE A 120 47.16 13.88 5.53
CA ILE A 120 46.10 13.78 6.53
C ILE A 120 46.50 12.77 7.62
N MET A 121 47.17 11.70 7.23
CA MET A 121 47.65 10.71 8.18
C MET A 121 49.10 11.00 8.59
N ILE A 127 44.36 12.23 15.67
CA ILE A 127 43.44 13.35 15.54
C ILE A 127 42.28 12.94 14.62
N VAL A 128 42.55 12.02 13.70
CA VAL A 128 41.51 11.45 12.86
C VAL A 128 40.71 10.44 13.66
N GLU A 129 39.38 10.47 13.52
CA GLU A 129 38.51 9.59 14.29
C GLU A 129 37.65 8.67 13.43
N LEU A 130 37.39 9.00 12.17
CA LEU A 130 36.64 8.14 11.27
C LEU A 130 37.33 8.15 9.90
N ILE A 131 37.41 6.97 9.28
CA ILE A 131 38.05 6.83 7.98
C ILE A 131 37.07 6.11 7.05
N TYR A 132 36.52 6.85 6.08
CA TYR A 132 35.74 6.28 5.00
C TYR A 132 36.65 6.07 3.80
N ILE A 133 36.61 4.87 3.22
CA ILE A 133 37.62 4.44 2.26
C ILE A 133 37.07 3.24 1.52
N ASP A 134 37.58 3.00 0.32
CA ASP A 134 37.27 1.79 -0.42
C ASP A 134 38.40 0.78 -0.27
N ILE A 135 38.18 -0.43 -0.79
CA ILE A 135 39.16 -1.50 -0.61
C ILE A 135 40.46 -1.14 -1.31
N VAL A 136 40.38 -0.53 -2.49
CA VAL A 136 41.60 -0.10 -3.19
C VAL A 136 42.33 0.95 -2.37
N GLY A 137 41.61 1.92 -1.82
CA GLY A 137 42.24 2.88 -0.93
C GLY A 137 42.77 2.25 0.34
N LEU A 138 42.18 1.15 0.77
CA LEU A 138 42.63 0.48 2.00
C LEU A 138 44.03 -0.10 1.82
N ALA A 139 44.31 -0.68 0.65
CA ALA A 139 45.66 -1.17 0.38
C ALA A 139 46.65 -0.02 0.35
N GLN A 140 46.22 1.14 -0.17
CA GLN A 140 47.07 2.33 -0.11
C GLN A 140 47.24 2.80 1.33
N PHE A 141 46.19 2.67 2.13
CA PHE A 141 46.27 3.05 3.54
C PHE A 141 47.29 2.18 4.29
N LYS A 142 47.20 0.86 4.10
CA LYS A 142 48.12 -0.07 4.76
C LYS A 142 49.56 0.19 4.34
N LYS A 143 49.78 0.56 3.09
CA LYS A 143 51.13 0.79 2.58
C LYS A 143 51.68 2.14 3.03
N THR A 144 50.83 3.17 3.06
CA THR A 144 51.29 4.50 3.42
C THR A 144 51.70 4.57 4.88
N LEU A 145 51.01 3.83 5.76
CA LEU A 145 51.25 3.90 7.19
C LEU A 145 52.17 2.81 7.71
N GLY A 146 52.32 1.69 6.99
CA GLY A 146 53.12 0.60 7.48
C GLY A 146 52.38 -0.22 8.51
N PRO A 147 53.12 -0.86 9.42
CA PRO A 147 52.48 -1.73 10.42
C PRO A 147 51.51 -1.01 11.34
N SER A 148 51.72 0.28 11.61
CA SER A 148 50.76 0.94 12.49
C SER A 148 49.40 1.19 11.83
N TRP A 149 49.14 0.67 10.63
CA TRP A 149 47.79 0.82 10.06
C TRP A 149 46.77 0.07 10.89
N VAL A 150 47.18 -1.03 11.55
CA VAL A 150 46.25 -1.77 12.40
C VAL A 150 45.83 -0.94 13.60
N HIS A 151 46.65 0.05 13.99
CA HIS A 151 46.24 0.94 15.07
C HIS A 151 44.98 1.71 14.73
N TYR A 152 44.72 1.91 13.43
CA TYR A 152 43.59 2.70 12.97
C TYR A 152 42.46 1.87 12.39
N GLN A 153 42.62 0.56 12.25
CA GLN A 153 41.69 -0.22 11.44
C GLN A 153 40.30 -0.29 12.04
N CYS A 154 40.14 -0.08 13.35
CA CYS A 154 38.81 -0.06 13.93
C CYS A 154 38.03 1.19 13.58
N MET A 155 38.69 2.19 13.00
CA MET A 155 38.02 3.39 12.51
C MET A 155 37.62 3.29 11.04
N LEU A 156 37.95 2.18 10.38
CA LEU A 156 37.68 2.06 8.96
C LEU A 156 36.21 1.77 8.70
N ARG A 157 35.62 2.50 7.76
CA ARG A 157 34.32 2.20 7.19
C ARG A 157 34.53 2.04 5.70
N VAL A 158 34.51 0.80 5.22
CA VAL A 158 34.99 0.46 3.89
C VAL A 158 33.81 0.41 2.93
N LEU A 159 33.73 1.40 2.04
CA LEU A 159 32.70 1.42 1.02
C LEU A 159 32.93 0.26 0.06
N ASP A 160 32.03 -0.72 0.09
CA ASP A 160 32.19 -1.99 -0.61
C ASP A 160 30.82 -2.33 -1.21
N SER A 161 30.64 -1.99 -2.48
CA SER A 161 29.32 -2.01 -3.10
C SER A 161 28.63 -3.36 -2.94
N PHE A 162 29.29 -4.43 -3.37
CA PHE A 162 28.67 -5.75 -3.45
C PHE A 162 28.77 -6.54 -2.15
N GLY A 163 29.44 -6.01 -1.14
CA GLY A 163 29.49 -6.64 0.16
C GLY A 163 30.59 -7.68 0.27
N THR A 164 31.01 -7.92 1.51
CA THR A 164 32.02 -8.92 1.82
C THR A 164 31.46 -9.88 2.88
N GLU A 165 31.42 -11.16 2.54
CA GLU A 165 30.92 -12.10 3.52
C GLU A 165 32.07 -12.63 4.39
N PRO A 166 31.77 -12.95 5.65
CA PRO A 166 32.85 -13.33 6.59
C PRO A 166 33.75 -14.43 6.06
N GLU A 167 33.20 -15.35 5.28
CA GLU A 167 33.98 -16.43 4.68
C GLU A 167 35.15 -15.88 3.87
N PHE A 168 34.97 -14.74 3.21
CA PHE A 168 36.03 -14.13 2.42
C PHE A 168 36.83 -13.09 3.20
N ASN A 169 36.31 -12.62 4.34
CA ASN A 169 37.02 -11.61 5.12
C ASN A 169 38.09 -12.24 6.00
N HIS A 170 37.81 -13.42 6.54
CA HIS A 170 38.75 -14.17 7.38
C HIS A 170 39.82 -14.78 6.46
N ALA A 171 41.04 -14.22 6.52
CA ALA A 171 42.07 -14.58 5.55
C ALA A 171 42.43 -16.05 5.61
N ASN A 172 42.62 -16.59 6.82
CA ASN A 172 43.02 -17.99 6.95
C ASN A 172 41.87 -18.93 6.57
N TYR A 173 40.63 -18.56 6.91
CA TYR A 173 39.49 -19.36 6.52
C TYR A 173 39.27 -19.31 5.01
N ALA A 174 39.53 -18.16 4.40
CA ALA A 174 39.42 -18.03 2.94
C ALA A 174 40.38 -18.96 2.23
N GLN A 175 41.62 -19.04 2.73
CA GLN A 175 42.60 -19.96 2.16
C GLN A 175 42.15 -21.41 2.31
N SER A 176 41.56 -21.74 3.46
CA SER A 176 41.11 -23.11 3.69
C SER A 176 39.99 -23.50 2.72
N LYS A 177 39.25 -22.52 2.20
CA LYS A 177 38.20 -22.74 1.22
C LYS A 177 38.70 -22.64 -0.21
N GLY A 178 39.94 -22.21 -0.42
CA GLY A 178 40.44 -21.96 -1.75
C GLY A 178 39.95 -20.68 -2.38
N HIS A 179 39.41 -19.76 -1.60
CA HIS A 179 38.88 -18.51 -2.13
C HIS A 179 40.01 -17.63 -2.66
N LYS A 180 40.02 -17.40 -3.97
CA LYS A 180 40.94 -16.45 -4.58
C LYS A 180 40.18 -15.13 -4.71
N THR A 181 40.45 -14.21 -3.79
CA THR A 181 39.82 -12.89 -3.78
C THR A 181 40.91 -11.85 -3.76
N PRO A 182 41.01 -10.96 -4.76
CA PRO A 182 41.87 -9.79 -4.62
C PRO A 182 41.28 -8.74 -3.69
N TRP A 183 40.00 -8.88 -3.29
CA TRP A 183 39.30 -7.87 -2.53
C TRP A 183 39.17 -8.19 -1.04
N GLY A 184 39.26 -9.44 -0.64
CA GLY A 184 38.99 -9.85 0.72
C GLY A 184 40.23 -9.92 1.58
N LYS A 185 40.19 -10.84 2.56
CA LYS A 185 41.31 -11.18 3.43
C LYS A 185 41.72 -10.05 4.37
N TRP A 186 40.84 -9.08 4.62
CA TRP A 186 41.24 -7.92 5.41
C TRP A 186 41.07 -8.11 6.90
N ASN A 187 40.36 -9.16 7.33
CA ASN A 187 40.22 -9.50 8.75
C ASN A 187 39.62 -8.35 9.55
N LEU A 188 38.70 -7.61 8.94
CA LEU A 188 37.99 -6.58 9.67
C LEU A 188 36.75 -7.18 10.34
N ASN A 189 36.16 -6.40 11.24
CA ASN A 189 34.79 -6.69 11.65
C ASN A 189 33.92 -6.48 10.42
N PRO A 190 33.23 -7.52 9.93
CA PRO A 190 32.51 -7.38 8.65
C PRO A 190 31.45 -6.30 8.66
N GLN A 191 31.00 -5.83 9.82
CA GLN A 191 30.09 -4.69 9.85
C GLN A 191 30.77 -3.40 9.43
N GLN A 192 32.11 -3.38 9.33
CA GLN A 192 32.81 -2.20 8.86
C GLN A 192 32.68 -2.01 7.35
N PHE A 193 32.22 -3.03 6.63
CA PHE A 193 32.00 -2.89 5.20
C PHE A 193 30.63 -2.25 4.96
N TYR A 194 30.61 -1.25 4.08
CA TYR A 194 29.43 -0.43 3.83
C TYR A 194 28.97 -0.68 2.40
N THR A 195 27.77 -1.24 2.24
CA THR A 195 27.30 -1.72 0.95
C THR A 195 26.38 -0.69 0.29
N MET A 196 26.11 -0.94 -1.00
CA MET A 196 25.28 -0.07 -1.82
C MET A 196 23.79 -0.32 -1.64
N PHE A 197 23.42 -1.56 -1.33
CA PHE A 197 22.05 -1.95 -1.05
C PHE A 197 22.07 -2.92 0.12
N PRO A 198 20.96 -3.01 0.88
CA PRO A 198 20.96 -3.92 2.05
C PRO A 198 20.76 -5.37 1.64
N HIS A 199 21.80 -5.96 1.05
CA HIS A 199 21.76 -7.34 0.61
C HIS A 199 22.65 -8.26 1.44
N THR A 200 23.49 -7.71 2.31
CA THR A 200 24.45 -8.50 3.08
C THR A 200 24.40 -8.03 4.54
N PRO A 201 23.52 -8.63 5.35
CA PRO A 201 23.41 -8.20 6.76
C PRO A 201 24.67 -8.43 7.57
N ASP A 202 25.64 -9.21 7.06
CA ASP A 202 26.96 -9.26 7.68
C ASP A 202 27.67 -7.91 7.61
N ASN A 203 27.29 -7.07 6.67
CA ASN A 203 27.85 -5.73 6.52
C ASN A 203 26.84 -4.69 6.95
N SER A 204 27.28 -3.44 6.93
CA SER A 204 26.39 -2.31 7.10
C SER A 204 25.91 -1.81 5.74
N PHE A 205 24.66 -1.40 5.67
CA PHE A 205 24.09 -0.84 4.46
C PHE A 205 24.29 0.68 4.49
N LEU A 206 25.08 1.19 3.56
CA LEU A 206 25.30 2.63 3.46
C LEU A 206 24.35 3.28 2.46
N GLY A 207 24.34 2.77 1.22
CA GLY A 207 23.42 3.27 0.23
C GLY A 207 23.73 4.69 -0.24
N PHE A 208 22.68 5.40 -0.61
CA PHE A 208 22.78 6.68 -1.29
C PHE A 208 21.37 7.27 -1.34
N VAL A 209 21.26 8.45 -1.95
CA VAL A 209 19.97 9.10 -2.14
C VAL A 209 19.64 9.08 -3.63
N VAL A 210 18.40 8.72 -3.96
CA VAL A 210 17.91 8.77 -5.32
C VAL A 210 17.35 10.18 -5.55
N GLU A 211 18.03 10.95 -6.39
CA GLU A 211 17.64 12.33 -6.62
C GLU A 211 16.31 12.40 -7.35
N GLN A 212 15.41 13.24 -6.86
CA GLN A 212 14.13 13.52 -7.51
C GLN A 212 14.15 14.97 -7.98
N HIS A 213 14.27 15.16 -9.29
CA HIS A 213 14.44 16.49 -9.86
C HIS A 213 13.18 17.34 -9.77
N LEU A 214 12.02 16.74 -9.53
CA LEU A 214 10.77 17.47 -9.62
C LEU A 214 10.26 17.89 -8.25
N LYS A 226 1.49 13.78 -17.80
CA LYS A 226 0.56 12.66 -17.91
C LYS A 226 1.28 11.48 -18.55
N ARG A 227 0.88 10.27 -18.16
CA ARG A 227 1.63 9.05 -18.43
C ARG A 227 1.05 8.33 -19.64
N GLN A 228 1.92 7.90 -20.54
CA GLN A 228 1.52 7.33 -21.82
C GLN A 228 1.69 5.81 -21.82
N ASN A 229 1.01 5.18 -22.78
CA ASN A 229 1.16 3.75 -23.02
C ASN A 229 2.50 3.44 -23.65
N GLN A 230 3.59 3.69 -22.92
CA GLN A 230 4.93 3.51 -23.47
C GLN A 230 5.85 2.96 -22.38
N SER A 231 6.88 2.24 -22.83
CA SER A 231 7.90 1.69 -21.96
C SER A 231 9.25 2.33 -22.28
N LEU A 232 10.14 2.31 -21.29
CA LEU A 232 11.51 2.79 -21.46
C LEU A 232 12.45 1.66 -21.07
N VAL A 233 13.37 1.32 -21.96
CA VAL A 233 14.29 0.21 -21.71
C VAL A 233 15.43 0.69 -20.82
N TYR A 234 15.78 -0.15 -19.84
CA TYR A 234 16.91 0.09 -18.96
C TYR A 234 18.17 -0.45 -19.63
N GLY A 235 19.03 0.44 -20.12
CA GLY A 235 20.25 0.02 -20.78
C GLY A 235 20.76 1.01 -21.82
N LYS A 236 21.85 1.69 -21.50
CA LYS A 236 22.42 2.68 -22.41
C LYS A 236 23.35 2.08 -23.45
N VAL A 237 23.74 0.82 -23.30
CA VAL A 237 24.70 0.18 -24.19
C VAL A 237 23.95 -0.76 -25.14
N ASP A 238 24.33 -0.73 -26.41
CA ASP A 238 23.68 -1.58 -27.41
C ASP A 238 23.91 -3.06 -27.12
N SER A 239 25.08 -3.41 -26.58
CA SER A 239 25.37 -4.82 -26.30
C SER A 239 24.49 -5.38 -25.19
N PHE A 240 23.89 -4.53 -24.36
CA PHE A 240 22.95 -5.00 -23.35
C PHE A 240 21.70 -5.59 -23.97
N TRP A 241 21.41 -5.26 -25.23
CA TRP A 241 20.16 -5.62 -25.89
C TRP A 241 20.24 -6.94 -26.65
N LYS A 242 21.40 -7.61 -26.65
CA LYS A 242 21.55 -8.83 -27.43
C LYS A 242 20.63 -9.93 -26.90
N ASN A 243 19.95 -10.62 -27.82
CA ASN A 243 19.02 -11.72 -27.59
C ASN A 243 17.69 -11.28 -26.99
N LYS A 244 17.50 -9.98 -26.73
CA LYS A 244 16.29 -9.50 -26.08
C LYS A 244 15.14 -9.24 -27.05
N LYS A 245 15.32 -9.58 -28.34
CA LYS A 245 14.32 -9.24 -29.35
C LYS A 245 12.96 -9.85 -29.03
N ILE A 246 12.94 -11.16 -28.75
CA ILE A 246 11.68 -11.84 -28.41
C ILE A 246 11.05 -11.18 -27.18
N TYR A 247 11.87 -10.92 -26.17
CA TYR A 247 11.40 -10.21 -24.97
C TYR A 247 10.81 -8.86 -25.35
N LEU A 248 11.55 -8.06 -26.13
CA LEU A 248 11.09 -6.72 -26.47
C LEU A 248 9.90 -6.74 -27.41
N ASP A 249 9.80 -7.76 -28.28
CA ASP A 249 8.64 -7.87 -29.16
C ASP A 249 7.35 -8.06 -28.37
N ILE A 250 7.42 -8.77 -27.24
CA ILE A 250 6.24 -8.97 -26.41
C ILE A 250 5.76 -7.65 -25.83
N ILE A 251 6.69 -6.85 -25.30
CA ILE A 251 6.34 -5.54 -24.75
C ILE A 251 5.81 -4.63 -25.85
N HIS A 252 6.44 -4.67 -27.03
CA HIS A 252 6.04 -3.81 -28.13
C HIS A 252 4.60 -4.08 -28.58
N THR A 253 4.07 -5.28 -28.32
CA THR A 253 2.69 -5.59 -28.68
C THR A 253 1.71 -4.69 -27.90
N TYR A 254 2.09 -4.26 -26.71
CA TYR A 254 1.20 -3.47 -25.86
C TYR A 254 1.60 -2.01 -25.72
N MET A 255 2.89 -1.69 -25.79
CA MET A 255 3.36 -0.33 -25.57
C MET A 255 4.42 0.03 -26.61
N GLU A 256 4.60 1.33 -26.80
CA GLU A 256 5.79 1.81 -27.48
C GLU A 256 7.03 1.42 -26.68
N VAL A 257 8.16 1.28 -27.37
CA VAL A 257 9.42 0.94 -26.74
C VAL A 257 10.37 2.11 -26.96
N HIS A 258 10.72 2.81 -25.89
CA HIS A 258 11.63 3.94 -25.94
C HIS A 258 12.98 3.55 -25.37
N ALA A 259 14.00 4.34 -25.69
CA ALA A 259 15.35 4.05 -25.23
C ALA A 259 16.12 5.36 -25.03
N THR A 260 17.24 5.24 -24.33
CA THR A 260 18.22 6.32 -24.17
C THR A 260 19.60 5.71 -24.44
N VAL A 261 19.87 5.39 -25.69
CA VAL A 261 21.05 4.63 -26.08
C VAL A 261 22.01 5.54 -26.82
N TYR A 262 23.29 5.18 -26.78
CA TYR A 262 24.34 5.91 -27.48
C TYR A 262 24.16 5.85 -28.99
N THR A 266 23.92 -0.01 -32.38
CA THR A 266 22.50 0.00 -32.67
C THR A 266 22.14 -1.27 -33.46
N LYS A 267 23.01 -2.28 -33.36
CA LYS A 267 22.74 -3.55 -34.03
C LYS A 267 21.58 -4.28 -33.37
N ASN A 268 21.63 -4.42 -32.04
CA ASN A 268 20.67 -5.22 -31.29
C ASN A 268 19.39 -4.47 -30.95
N ILE A 269 19.24 -3.23 -31.40
CA ILE A 269 18.08 -2.41 -31.08
C ILE A 269 17.06 -2.57 -32.20
N PRO A 270 15.85 -3.05 -31.93
CA PRO A 270 14.84 -3.15 -32.99
C PRO A 270 14.51 -1.80 -33.58
N SER A 271 14.07 -1.82 -34.84
CA SER A 271 13.82 -0.58 -35.56
C SER A 271 12.64 0.21 -34.98
N TYR A 272 11.70 -0.48 -34.34
CA TYR A 272 10.54 0.21 -33.78
C TYR A 272 10.85 0.96 -32.49
N VAL A 273 12.08 0.85 -31.97
CA VAL A 273 12.44 1.54 -30.74
C VAL A 273 12.53 3.04 -31.01
N LYS A 274 11.93 3.83 -30.12
CA LYS A 274 11.98 5.29 -30.20
C LYS A 274 13.13 5.76 -29.31
N ASN A 275 14.27 6.06 -29.92
CA ASN A 275 15.44 6.47 -29.16
C ASN A 275 15.38 7.95 -28.81
N HIS A 276 15.79 8.28 -27.60
CA HIS A 276 15.85 9.66 -27.13
C HIS A 276 17.27 10.19 -27.01
N GLY A 277 18.28 9.36 -27.25
CA GLY A 277 19.64 9.78 -27.04
C GLY A 277 19.94 9.91 -25.56
N ILE A 278 21.08 10.53 -25.28
CA ILE A 278 21.49 10.78 -23.91
C ILE A 278 20.78 12.02 -23.39
N LEU A 279 20.18 11.91 -22.21
CA LEU A 279 19.37 12.96 -21.62
C LEU A 279 19.96 13.37 -20.28
N SER A 280 19.89 14.67 -19.98
CA SER A 280 20.20 15.14 -18.64
C SER A 280 19.31 14.46 -17.63
N GLY A 281 19.77 14.40 -16.38
CA GLY A 281 18.99 13.75 -15.33
C GLY A 281 17.59 14.34 -15.22
N ARG A 282 17.48 15.66 -15.33
CA ARG A 282 16.19 16.33 -15.31
C ARG A 282 15.32 15.92 -16.49
N ASP A 283 15.92 15.86 -17.69
CA ASP A 283 15.16 15.44 -18.86
C ASP A 283 14.78 13.97 -18.78
N LEU A 284 15.61 13.14 -18.15
CA LEU A 284 15.28 11.73 -18.00
C LEU A 284 14.07 11.54 -17.10
N GLN A 285 13.95 12.35 -16.04
CA GLN A 285 12.84 12.17 -15.10
C GLN A 285 11.52 12.62 -15.70
N PHE A 286 11.53 13.64 -16.56
CA PHE A 286 10.32 14.00 -17.29
C PHE A 286 9.85 12.86 -18.18
N LEU A 287 10.79 12.20 -18.86
CA LEU A 287 10.44 11.02 -19.66
C LEU A 287 9.91 9.91 -18.77
N LEU A 288 10.50 9.75 -17.58
CA LEU A 288 10.00 8.74 -16.65
C LEU A 288 8.56 9.03 -16.24
N ARG A 289 8.23 10.30 -16.01
CA ARG A 289 6.86 10.66 -15.69
C ARG A 289 5.92 10.38 -16.86
N GLU A 290 6.45 10.30 -18.08
CA GLU A 290 5.67 9.92 -19.26
C GLU A 290 5.57 8.42 -19.46
N THR A 291 6.34 7.63 -18.73
CA THR A 291 6.51 6.22 -19.00
C THR A 291 5.78 5.37 -17.96
N LYS A 292 5.09 4.33 -18.43
CA LYS A 292 4.42 3.41 -17.53
C LYS A 292 5.35 2.30 -17.04
N LEU A 293 6.25 1.84 -17.90
CA LEU A 293 7.06 0.66 -17.60
C LEU A 293 8.53 0.93 -17.89
N PHE A 294 9.37 0.67 -16.89
CA PHE A 294 10.83 0.71 -17.03
C PHE A 294 11.31 -0.73 -17.21
N VAL A 295 11.89 -1.01 -18.37
CA VAL A 295 12.11 -2.38 -18.83
C VAL A 295 13.55 -2.78 -18.54
N GLY A 296 13.72 -3.71 -17.60
CA GLY A 296 15.04 -4.25 -17.33
C GLY A 296 15.42 -5.31 -18.36
N LEU A 297 16.71 -5.34 -18.71
CA LEU A 297 17.23 -6.30 -19.67
C LEU A 297 18.02 -7.43 -19.01
N GLY A 298 18.26 -7.35 -17.70
CA GLY A 298 19.09 -8.30 -17.00
C GLY A 298 20.43 -7.73 -16.58
N PHE A 299 20.86 -6.64 -17.19
CA PHE A 299 22.12 -5.98 -16.87
C PHE A 299 21.94 -4.49 -17.17
N PRO A 300 22.50 -3.61 -16.31
CA PRO A 300 23.39 -3.85 -15.17
C PRO A 300 22.66 -4.29 -13.90
N TYR A 301 23.42 -4.87 -12.98
CA TYR A 301 22.88 -5.34 -11.71
C TYR A 301 22.84 -4.22 -10.68
N GLU A 302 21.81 -4.26 -9.84
CA GLU A 302 21.73 -3.49 -8.59
C GLU A 302 22.18 -2.04 -8.77
N GLY A 303 21.44 -1.32 -9.60
CA GLY A 303 21.75 0.05 -9.91
C GLY A 303 20.74 1.03 -9.33
N PRO A 304 21.01 2.34 -9.49
CA PRO A 304 20.04 3.34 -9.02
C PRO A 304 18.89 3.59 -9.98
N ALA A 305 19.06 3.30 -11.27
CA ALA A 305 18.05 3.66 -12.26
C ALA A 305 16.67 3.06 -12.00
N PRO A 306 16.52 1.79 -11.61
CA PRO A 306 15.16 1.29 -11.30
C PRO A 306 14.47 2.07 -10.19
N LEU A 307 15.20 2.43 -9.14
CA LEU A 307 14.60 3.19 -8.04
C LEU A 307 14.13 4.56 -8.50
N GLU A 308 14.88 5.18 -9.41
CA GLU A 308 14.51 6.50 -9.92
C GLU A 308 13.28 6.41 -10.81
N ALA A 309 13.15 5.31 -11.55
CA ALA A 309 11.93 5.07 -12.32
C ALA A 309 10.73 4.92 -11.42
N ILE A 310 10.84 4.06 -10.40
CA ILE A 310 9.74 3.83 -9.47
C ILE A 310 9.38 5.11 -8.74
N ALA A 311 10.38 5.93 -8.41
CA ALA A 311 10.12 7.19 -7.73
C ALA A 311 9.30 8.15 -8.58
N ASN A 312 9.30 7.97 -9.90
CA ASN A 312 8.54 8.83 -10.80
C ASN A 312 7.28 8.17 -11.32
N GLY A 313 6.80 7.12 -10.65
CA GLY A 313 5.56 6.49 -11.02
C GLY A 313 5.67 5.41 -12.07
N CYS A 314 6.87 4.94 -12.37
CA CYS A 314 7.04 3.85 -13.32
C CYS A 314 6.99 2.51 -12.60
N ALA A 315 6.45 1.51 -13.29
CA ALA A 315 6.65 0.13 -12.88
C ALA A 315 7.98 -0.36 -13.44
N PHE A 316 8.58 -1.32 -12.73
CA PHE A 316 9.85 -1.88 -13.15
C PHE A 316 9.67 -3.35 -13.46
N LEU A 317 9.97 -3.74 -14.70
CA LEU A 317 10.01 -5.14 -15.10
C LEU A 317 11.40 -5.66 -14.76
N ASN A 318 11.47 -6.54 -13.76
CA ASN A 318 12.72 -6.96 -13.15
C ASN A 318 13.02 -8.40 -13.53
N PRO A 319 13.91 -8.65 -14.49
CA PRO A 319 14.19 -10.04 -14.90
C PRO A 319 14.64 -10.90 -13.73
N LYS A 320 13.97 -12.03 -13.56
CA LYS A 320 14.34 -13.01 -12.54
C LYS A 320 15.40 -13.96 -13.09
N PHE A 321 16.28 -14.40 -12.20
CA PHE A 321 17.43 -15.23 -12.57
C PHE A 321 17.23 -16.65 -12.06
N ASN A 322 17.28 -17.61 -12.98
CA ASN A 322 17.29 -19.02 -12.62
C ASN A 322 18.39 -19.73 -13.43
N PRO A 323 19.50 -20.10 -12.78
CA PRO A 323 19.78 -19.96 -11.34
C PRO A 323 20.15 -18.54 -10.93
N PRO A 324 20.13 -18.26 -9.62
CA PRO A 324 20.61 -16.95 -9.15
C PRO A 324 22.08 -16.76 -9.52
N LYS A 325 22.43 -15.51 -9.86
CA LYS A 325 23.77 -15.19 -10.32
C LYS A 325 24.66 -14.82 -9.14
N SER A 326 25.90 -15.32 -9.19
CA SER A 326 26.84 -15.11 -8.09
C SER A 326 28.26 -15.22 -8.64
N SER A 327 29.24 -15.10 -7.74
CA SER A 327 30.64 -15.26 -8.11
C SER A 327 30.96 -16.66 -8.62
N LYS A 328 30.07 -17.62 -8.43
CA LYS A 328 30.31 -19.00 -8.84
C LYS A 328 29.90 -19.28 -10.28
N ASN A 329 29.03 -18.45 -10.87
CA ASN A 329 28.53 -18.75 -12.21
C ASN A 329 28.45 -17.54 -13.14
N THR A 330 28.89 -16.36 -12.72
CA THR A 330 28.76 -15.14 -13.51
C THR A 330 30.10 -14.42 -13.50
N ASP A 331 30.64 -14.16 -14.69
CA ASP A 331 31.97 -13.57 -14.80
C ASP A 331 32.01 -12.17 -14.19
N PHE A 332 30.90 -11.44 -14.21
CA PHE A 332 30.87 -10.10 -13.62
C PHE A 332 31.21 -10.16 -12.13
N PHE A 333 30.86 -11.25 -11.46
CA PHE A 333 31.05 -11.39 -10.03
C PHE A 333 32.28 -12.24 -9.66
N ILE A 334 33.07 -12.67 -10.65
CA ILE A 334 34.22 -13.50 -10.36
C ILE A 334 35.20 -12.73 -9.48
N GLY A 335 35.60 -13.35 -8.38
CA GLY A 335 36.57 -12.73 -7.50
C GLY A 335 36.00 -11.79 -6.46
N LYS A 336 34.69 -11.52 -6.48
CA LYS A 336 34.08 -10.73 -5.43
C LYS A 336 34.21 -11.46 -4.10
N PRO A 337 34.42 -10.71 -3.00
CA PRO A 337 34.56 -11.33 -1.67
C PRO A 337 33.24 -11.75 -1.05
N THR A 338 32.39 -12.40 -1.85
CA THR A 338 31.08 -12.82 -1.39
C THR A 338 30.52 -13.89 -2.32
N LEU A 339 29.72 -14.78 -1.76
CA LEU A 339 28.99 -15.79 -2.50
C LEU A 339 27.50 -15.46 -2.60
N ARG A 340 27.14 -14.19 -2.40
CA ARG A 340 25.74 -13.79 -2.45
C ARG A 340 25.14 -14.08 -3.81
N GLU A 341 23.88 -14.51 -3.81
CA GLU A 341 23.16 -14.86 -5.02
C GLU A 341 22.11 -13.80 -5.33
N LEU A 342 22.16 -13.25 -6.52
CA LEU A 342 21.16 -12.29 -6.99
C LEU A 342 20.02 -13.06 -7.64
N THR A 343 18.83 -12.99 -7.02
CA THR A 343 17.66 -13.68 -7.55
C THR A 343 17.02 -12.97 -8.73
N SER A 344 17.42 -11.72 -8.99
CA SER A 344 16.89 -10.95 -10.12
C SER A 344 17.89 -9.85 -10.42
N GLN A 345 17.59 -9.06 -11.47
CA GLN A 345 18.47 -7.96 -11.83
C GLN A 345 18.62 -6.98 -10.69
N HIS A 346 17.54 -6.74 -9.93
CA HIS A 346 17.55 -5.81 -8.80
C HIS A 346 16.86 -6.50 -7.62
N PRO A 347 17.62 -7.27 -6.83
CA PRO A 347 16.99 -7.97 -5.70
C PRO A 347 16.38 -7.06 -4.66
N TYR A 348 16.94 -5.87 -4.44
CA TYR A 348 16.31 -4.94 -3.51
C TYR A 348 14.93 -4.55 -3.97
N ALA A 349 14.80 -4.15 -5.24
CA ALA A 349 13.49 -3.81 -5.79
C ALA A 349 12.55 -5.00 -5.71
N GLU A 350 13.06 -6.21 -5.96
CA GLU A 350 12.23 -7.41 -5.92
C GLU A 350 11.64 -7.62 -4.53
N VAL A 351 12.47 -7.57 -3.50
CA VAL A 351 12.08 -8.01 -2.16
C VAL A 351 11.57 -6.85 -1.31
N PHE A 352 12.25 -5.70 -1.33
CA PHE A 352 11.90 -4.60 -0.44
C PHE A 352 10.88 -3.63 -1.02
N ILE A 353 10.60 -3.70 -2.32
CA ILE A 353 9.54 -2.90 -2.92
C ILE A 353 8.42 -3.81 -3.39
N GLY A 354 8.69 -4.57 -4.44
CA GLY A 354 7.74 -5.54 -4.94
C GLY A 354 6.57 -4.92 -5.68
N ARG A 355 5.54 -5.74 -5.86
CA ARG A 355 4.32 -5.33 -6.55
C ARG A 355 3.57 -4.26 -5.76
N PRO A 356 2.85 -3.37 -6.46
CA PRO A 356 2.66 -3.32 -7.91
C PRO A 356 3.77 -2.59 -8.67
N HIS A 357 4.79 -2.13 -7.95
CA HIS A 357 5.83 -1.32 -8.59
C HIS A 357 6.86 -2.17 -9.31
N VAL A 358 7.18 -3.35 -8.79
CA VAL A 358 8.20 -4.22 -9.35
C VAL A 358 7.56 -5.55 -9.74
N TRP A 359 7.73 -5.94 -11.00
CA TRP A 359 7.28 -7.23 -11.51
C TRP A 359 8.53 -8.05 -11.82
N THR A 360 8.81 -9.04 -10.98
CA THR A 360 9.97 -9.92 -11.15
C THR A 360 9.53 -11.15 -11.92
N VAL A 361 10.00 -11.28 -13.15
CA VAL A 361 9.55 -12.31 -14.08
C VAL A 361 10.75 -12.91 -14.79
N ASP A 362 10.75 -14.23 -14.96
CA ASP A 362 11.72 -14.88 -15.83
C ASP A 362 11.39 -14.54 -17.28
N LEU A 363 12.38 -14.01 -18.00
CA LEU A 363 12.13 -13.52 -19.35
C LEU A 363 11.82 -14.64 -20.34
N ASN A 364 12.16 -15.90 -20.00
CA ASN A 364 11.83 -17.01 -20.88
C ASN A 364 10.36 -17.41 -20.80
N ASN A 365 9.66 -17.03 -19.72
CA ASN A 365 8.25 -17.33 -19.55
C ASN A 365 7.46 -16.24 -20.26
N GLN A 366 7.19 -16.47 -21.55
CA GLN A 366 6.61 -15.42 -22.39
C GLN A 366 5.20 -15.06 -21.95
N GLU A 367 4.41 -16.04 -21.51
CA GLU A 367 3.06 -15.75 -21.05
C GLU A 367 3.09 -14.95 -19.75
N GLU A 368 4.07 -15.21 -18.87
CA GLU A 368 4.20 -14.40 -17.66
C GLU A 368 4.59 -12.97 -17.99
N VAL A 369 5.49 -12.78 -18.96
CA VAL A 369 5.86 -11.44 -19.38
C VAL A 369 4.66 -10.73 -19.99
N GLU A 370 3.88 -11.44 -20.80
CA GLU A 370 2.69 -10.85 -21.39
C GLU A 370 1.68 -10.43 -20.32
N ASP A 371 1.47 -11.30 -19.32
CA ASP A 371 0.55 -10.97 -18.23
C ASP A 371 1.02 -9.74 -17.47
N ALA A 372 2.33 -9.63 -17.22
CA ALA A 372 2.85 -8.51 -16.44
C ALA A 372 2.71 -7.20 -17.19
N VAL A 373 3.21 -7.14 -18.43
CA VAL A 373 3.11 -5.93 -19.24
C VAL A 373 1.66 -5.47 -19.33
N LYS A 374 0.74 -6.43 -19.46
CA LYS A 374 -0.67 -6.10 -19.61
C LYS A 374 -1.26 -5.58 -18.30
N ALA A 375 -0.90 -6.19 -17.18
CA ALA A 375 -1.37 -5.72 -15.88
C ALA A 375 -0.87 -4.31 -15.61
N ILE A 376 0.37 -4.02 -15.98
CA ILE A 376 0.93 -2.68 -15.80
C ILE A 376 0.24 -1.69 -16.73
N LEU A 377 -0.35 -2.17 -17.83
CA LEU A 377 -0.95 -1.27 -18.81
C LEU A 377 -2.13 -0.50 -18.22
N ASN A 378 -3.00 -1.16 -17.46
CA ASN A 378 -4.17 -0.49 -16.90
C ASN A 378 -4.05 -0.09 -15.44
N GLN A 379 -3.13 -0.69 -14.69
CA GLN A 379 -3.10 -0.37 -13.26
C GLN A 379 -2.40 0.95 -13.05
N LYS A 380 -2.99 1.77 -12.17
CA LYS A 380 -2.42 3.04 -11.77
C LYS A 380 -1.60 2.83 -10.51
N ILE A 381 -0.29 3.03 -10.61
CA ILE A 381 0.62 2.94 -9.48
C ILE A 381 1.04 4.36 -9.11
N GLU A 382 1.16 4.60 -7.84
CA GLU A 382 1.62 5.92 -7.48
C GLU A 382 3.13 5.91 -7.25
N PRO A 383 3.79 7.05 -7.43
CA PRO A 383 5.23 7.12 -7.20
C PRO A 383 5.59 6.61 -5.80
N TYR A 384 6.66 5.84 -5.72
CA TYR A 384 7.10 5.28 -4.45
C TYR A 384 8.60 5.40 -4.32
N MET A 385 9.05 5.84 -3.15
CA MET A 385 10.47 5.97 -2.84
C MET A 385 10.69 5.39 -1.46
N PRO A 386 11.54 4.37 -1.32
CA PRO A 386 11.82 3.84 0.02
C PRO A 386 12.43 4.91 0.92
N TYR A 387 12.06 4.87 2.20
CA TYR A 387 12.53 5.90 3.13
C TYR A 387 14.04 5.91 3.24
N GLU A 388 14.68 4.74 3.26
CA GLU A 388 16.12 4.64 3.43
C GLU A 388 16.90 5.24 2.26
N PHE A 389 16.25 5.55 1.15
CA PHE A 389 16.93 6.13 -0.01
C PHE A 389 16.54 7.60 -0.22
N THR A 390 15.96 8.24 0.80
CA THR A 390 15.75 9.68 0.79
C THR A 390 16.86 10.36 1.59
N CYS A 391 16.92 11.68 1.44
CA CYS A 391 17.90 12.47 2.17
C CYS A 391 17.78 12.23 3.67
N GLU A 392 16.56 12.34 4.20
CA GLU A 392 16.38 12.18 5.65
C GLU A 392 16.67 10.75 6.10
N GLY A 393 16.28 9.77 5.29
CA GLY A 393 16.59 8.39 5.62
C GLY A 393 18.08 8.15 5.74
N MET A 394 18.86 8.66 4.79
CA MET A 394 20.30 8.47 4.83
C MET A 394 20.93 9.28 5.97
N LEU A 395 20.45 10.49 6.20
CA LEU A 395 20.96 11.30 7.31
C LEU A 395 20.75 10.59 8.64
N GLN A 396 19.55 10.05 8.85
CA GLN A 396 19.29 9.28 10.07
C GLN A 396 20.18 8.06 10.14
N ARG A 397 20.35 7.35 9.02
CA ARG A 397 21.18 6.15 9.02
C ARG A 397 22.63 6.49 9.33
N ILE A 398 23.19 7.48 8.64
CA ILE A 398 24.61 7.77 8.81
C ILE A 398 24.90 8.41 10.15
N ASN A 399 23.96 9.20 10.69
CA ASN A 399 24.17 9.77 12.02
C ASN A 399 24.16 8.69 13.08
N ALA A 400 23.28 7.69 12.93
CA ALA A 400 23.26 6.57 13.86
C ALA A 400 24.56 5.77 13.79
N PHE A 401 25.06 5.54 12.58
CA PHE A 401 26.33 4.83 12.43
C PHE A 401 27.47 5.59 13.10
N ILE A 402 27.53 6.90 12.86
CA ILE A 402 28.62 7.71 13.41
C ILE A 402 28.58 7.71 14.93
N GLU A 403 27.38 7.86 15.51
CA GLU A 403 27.27 7.99 16.96
C GLU A 403 27.30 6.66 17.68
N LYS A 404 26.87 5.58 17.03
CA LYS A 404 26.64 4.33 17.74
C LYS A 404 27.58 3.19 17.35
N GLN A 405 28.16 3.21 16.14
CA GLN A 405 29.06 2.14 15.73
C GLN A 405 30.45 2.37 16.31
N ASP A 406 30.88 1.46 17.17
CA ASP A 406 32.20 1.50 17.81
C ASP A 406 32.80 0.11 17.69
N PHE A 407 33.88 0.00 16.92
CA PHE A 407 34.57 -1.27 16.71
C PHE A 407 35.93 -1.31 17.39
N CYS A 408 36.25 -0.34 18.25
CA CYS A 408 37.58 -0.19 18.81
C CYS A 408 37.74 -0.82 20.18
N HIS A 409 36.70 -1.46 20.71
CA HIS A 409 36.76 -2.09 22.03
C HIS A 409 36.23 -3.52 21.97
N GLY A 410 36.77 -4.31 21.06
CA GLY A 410 36.34 -5.70 20.96
C GLY A 410 34.93 -5.81 20.43
N GLN A 411 34.16 -6.74 21.00
CA GLN A 411 32.83 -7.01 20.49
C GLN A 411 31.85 -5.91 20.90
N VAL A 412 30.75 -5.84 20.17
CA VAL A 412 29.95 -4.64 20.03
C VAL A 412 28.71 -4.72 20.93
N MET A 413 28.22 -3.55 21.36
CA MET A 413 27.04 -3.46 22.21
C MET A 413 25.92 -2.64 21.58
N TRP A 414 26.06 -2.23 20.33
CA TRP A 414 24.98 -1.59 19.57
C TRP A 414 24.81 -2.28 18.22
N PRO A 415 23.59 -2.72 17.86
CA PRO A 415 22.27 -2.58 18.50
C PRO A 415 22.19 -3.16 19.91
N PRO A 416 21.29 -2.62 20.72
CA PRO A 416 21.14 -3.12 22.09
C PRO A 416 20.63 -4.56 22.10
N LEU A 417 21.05 -5.30 23.12
CA LEU A 417 20.65 -6.71 23.25
C LEU A 417 19.14 -6.86 23.27
N SER A 418 18.42 -5.81 23.65
CA SER A 418 16.95 -5.87 23.71
C SER A 418 16.35 -6.23 22.36
N ALA A 419 16.99 -5.83 21.26
CA ALA A 419 16.44 -6.09 19.94
C ALA A 419 16.60 -7.54 19.49
N LEU A 420 17.38 -8.34 20.22
CA LEU A 420 17.66 -9.71 19.81
C LEU A 420 16.38 -10.55 19.79
N GLN A 421 16.01 -11.02 18.61
CA GLN A 421 14.93 -11.99 18.43
C GLN A 421 15.52 -13.22 17.76
N VAL A 422 15.64 -14.30 18.51
CA VAL A 422 16.31 -15.50 18.02
C VAL A 422 15.36 -16.31 17.16
N LYS A 423 15.87 -16.79 16.03
CA LYS A 423 15.15 -17.71 15.15
C LYS A 423 16.10 -18.83 14.76
N LEU A 424 15.53 -20.01 14.52
CA LEU A 424 16.30 -21.16 14.08
C LEU A 424 16.01 -21.41 12.60
N ALA A 425 17.05 -21.34 11.78
CA ALA A 425 16.90 -21.60 10.36
C ALA A 425 16.83 -23.09 10.09
N GLU A 426 16.07 -23.46 9.07
CA GLU A 426 15.95 -24.86 8.66
C GLU A 426 17.18 -25.28 7.87
N PRO A 427 17.43 -26.59 7.77
CA PRO A 427 18.49 -27.06 6.87
C PRO A 427 18.30 -26.52 5.47
N GLY A 428 19.40 -26.07 4.87
CA GLY A 428 19.34 -25.42 3.58
C GLY A 428 18.92 -23.97 3.61
N GLN A 429 18.73 -23.39 4.80
CA GLN A 429 18.33 -22.00 4.94
C GLN A 429 19.39 -21.25 5.74
N SER A 430 19.71 -20.04 5.30
CA SER A 430 20.71 -19.22 5.94
C SER A 430 20.08 -18.32 7.01
N CYS A 431 20.94 -17.80 7.88
CA CYS A 431 20.48 -16.87 8.91
C CYS A 431 19.93 -15.59 8.28
N LYS A 432 20.47 -15.19 7.12
CA LYS A 432 19.91 -14.06 6.40
C LYS A 432 18.47 -14.31 6.00
N GLN A 433 18.17 -15.54 5.58
CA GLN A 433 16.84 -15.86 5.06
C GLN A 433 15.81 -16.00 6.19
N VAL A 434 16.17 -16.71 7.26
CA VAL A 434 15.19 -16.97 8.32
C VAL A 434 14.80 -15.67 9.02
N CYS A 435 15.68 -14.67 9.03
CA CYS A 435 15.31 -13.37 9.56
C CYS A 435 14.47 -12.58 8.56
N GLN A 436 14.86 -12.61 7.29
CA GLN A 436 14.15 -11.83 6.27
C GLN A 436 12.72 -12.33 6.09
N GLU A 437 12.52 -13.64 6.05
CA GLU A 437 11.18 -14.19 5.88
C GLU A 437 10.23 -13.80 7.00
N SER A 438 10.77 -13.47 8.17
CA SER A 438 9.96 -13.05 9.32
C SER A 438 9.94 -11.53 9.49
N GLN A 439 10.19 -10.79 8.40
CA GLN A 439 10.22 -9.32 8.43
C GLN A 439 11.20 -8.80 9.48
N LEU A 440 12.29 -9.53 9.68
CA LEU A 440 13.39 -9.08 10.52
C LEU A 440 14.66 -9.01 9.69
N ILE A 441 15.81 -8.91 10.33
CA ILE A 441 17.09 -8.95 9.64
C ILE A 441 18.13 -9.52 10.58
N CYS A 442 19.06 -10.30 10.03
CA CYS A 442 20.14 -10.87 10.82
C CYS A 442 21.03 -9.77 11.37
N GLU A 443 21.37 -9.89 12.66
CA GLU A 443 22.25 -8.94 13.33
C GLU A 443 23.50 -9.67 13.79
N PRO A 444 24.64 -9.51 13.10
CA PRO A 444 25.83 -10.31 13.44
C PRO A 444 26.41 -10.01 14.81
N SER A 445 26.15 -8.82 15.36
CA SER A 445 26.70 -8.51 16.68
C SER A 445 26.02 -9.29 17.80
N PHE A 446 24.91 -9.97 17.52
CA PHE A 446 24.22 -10.77 18.53
C PHE A 446 24.69 -12.22 18.55
N PHE A 447 25.45 -12.67 17.55
CA PHE A 447 25.95 -14.03 17.54
C PHE A 447 26.68 -14.38 18.83
N GLN A 448 27.41 -13.42 19.40
CA GLN A 448 28.20 -13.64 20.59
C GLN A 448 27.35 -14.10 21.78
N HIS A 449 26.04 -13.88 21.73
CA HIS A 449 25.16 -14.23 22.83
C HIS A 449 24.45 -15.56 22.63
N LEU A 450 24.75 -16.27 21.53
CA LEU A 450 24.13 -17.55 21.20
C LEU A 450 25.20 -18.63 20.98
N ASN A 451 26.24 -18.64 21.81
CA ASN A 451 27.41 -19.45 21.49
C ASN A 451 27.87 -20.28 22.69
N LYS A 452 26.96 -20.69 23.55
CA LYS A 452 27.31 -21.62 24.62
C LYS A 452 26.06 -22.27 25.18
N ASP A 453 26.26 -23.36 25.91
CA ASP A 453 25.16 -24.18 26.42
C ASP A 453 24.16 -23.35 27.21
N LYS A 454 24.64 -22.67 28.25
CA LYS A 454 23.74 -21.96 29.15
C LYS A 454 22.97 -20.87 28.42
N ASP A 455 23.64 -20.17 27.50
CA ASP A 455 22.98 -19.10 26.75
C ASP A 455 21.87 -19.64 25.87
N MET A 456 22.02 -20.86 25.35
CA MET A 456 20.99 -21.42 24.48
C MET A 456 19.71 -21.77 25.23
N LEU A 457 19.79 -21.92 26.55
CA LEU A 457 18.58 -22.24 27.32
C LEU A 457 17.58 -21.08 27.28
N LYS A 458 18.07 -19.84 27.26
CA LYS A 458 17.18 -18.68 27.25
C LYS A 458 16.32 -18.62 25.99
N TYR A 459 16.73 -19.33 24.93
CA TYR A 459 16.02 -19.29 23.65
C TYR A 459 15.46 -20.67 23.28
N LYS A 460 15.23 -21.50 24.30
CA LYS A 460 14.45 -22.74 24.17
C LYS A 460 15.12 -23.75 23.24
N VAL A 461 16.42 -23.94 23.44
CA VAL A 461 17.20 -24.96 22.75
C VAL A 461 18.11 -25.62 23.77
N THR A 462 17.92 -26.92 23.99
CA THR A 462 18.61 -27.66 25.05
C THR A 462 19.70 -28.53 24.45
N CYS A 463 20.95 -28.26 24.83
CA CYS A 463 22.11 -28.99 24.30
C CYS A 463 22.47 -30.11 25.27
N GLN A 464 22.06 -31.33 24.94
CA GLN A 464 22.50 -32.50 25.68
C GLN A 464 24.00 -32.68 25.58
N SER A 465 24.60 -32.19 24.50
CA SER A 465 26.02 -32.31 24.24
C SER A 465 26.43 -31.20 23.29
N SER A 466 27.67 -30.74 23.41
CA SER A 466 28.15 -29.63 22.61
C SER A 466 29.61 -29.83 22.23
N GLU A 467 29.94 -29.38 21.02
CA GLU A 467 31.32 -29.32 20.56
C GLU A 467 31.53 -27.98 19.87
N LEU A 468 32.78 -27.68 19.55
CA LEU A 468 33.14 -26.41 18.93
C LEU A 468 33.76 -26.66 17.56
N ALA A 469 33.45 -25.77 16.62
CA ALA A 469 34.00 -25.82 15.27
C ALA A 469 34.28 -24.41 14.81
N LYS A 470 35.28 -24.28 13.94
CA LYS A 470 35.61 -23.01 13.30
C LYS A 470 35.00 -23.05 11.90
N ASP A 471 33.76 -22.58 11.80
CA ASP A 471 32.96 -22.76 10.60
C ASP A 471 31.90 -21.67 10.57
N ILE A 472 31.65 -21.11 9.38
CA ILE A 472 30.70 -20.02 9.25
C ILE A 472 29.26 -20.45 9.49
N LEU A 473 29.00 -21.75 9.60
CA LEU A 473 27.65 -22.27 9.72
C LEU A 473 27.23 -22.53 11.16
N VAL A 474 28.12 -22.34 12.12
CA VAL A 474 27.79 -22.54 13.53
C VAL A 474 27.69 -21.17 14.21
N PRO A 475 26.88 -21.06 15.29
CA PRO A 475 26.21 -22.09 16.09
C PRO A 475 25.09 -22.83 15.35
N SER A 476 25.31 -24.13 15.14
CA SER A 476 24.33 -25.00 14.50
C SER A 476 23.64 -25.84 15.57
N PHE A 477 22.34 -26.04 15.41
CA PHE A 477 21.59 -26.92 16.29
C PHE A 477 21.16 -28.18 15.56
N ASP A 478 21.04 -29.27 16.33
CA ASP A 478 20.70 -30.60 15.84
C ASP A 478 19.38 -31.00 16.51
N PRO A 479 18.25 -30.89 15.83
CA PRO A 479 16.97 -31.19 16.48
C PRO A 479 16.69 -32.69 16.57
N LYS A 480 17.04 -33.45 15.54
CA LYS A 480 16.81 -34.88 15.60
C LYS A 480 17.70 -35.57 16.62
N ASN A 481 18.66 -34.85 17.20
CA ASN A 481 19.60 -35.46 18.13
C ASN A 481 20.38 -34.38 18.89
N LYS A 482 19.69 -33.74 19.82
CA LYS A 482 20.27 -33.10 21.00
C LYS A 482 21.35 -32.05 20.72
N HIS A 483 22.10 -32.21 19.64
CA HIS A 483 23.50 -31.79 19.61
C HIS A 483 23.68 -30.35 19.15
N CYS A 484 24.63 -29.66 19.76
CA CYS A 484 24.95 -28.28 19.46
C CYS A 484 26.43 -28.16 19.07
N VAL A 485 26.70 -27.41 18.02
CA VAL A 485 28.05 -27.07 17.62
C VAL A 485 28.18 -25.55 17.72
N PHE A 486 29.15 -25.08 18.48
CA PHE A 486 29.34 -23.66 18.72
C PHE A 486 30.57 -23.14 17.99
N GLN A 487 30.66 -21.81 17.91
CA GLN A 487 31.70 -21.17 17.12
C GLN A 487 32.99 -21.08 17.91
N GLY A 488 34.09 -21.57 17.32
CA GLY A 488 35.38 -21.54 17.96
C GLY A 488 36.25 -20.38 17.51
N ASP A 489 35.85 -19.72 16.42
CA ASP A 489 36.55 -18.55 15.90
C ASP A 489 35.50 -17.45 15.71
N LEU A 490 35.52 -16.47 16.60
CA LEU A 490 34.46 -15.45 16.61
C LEU A 490 34.43 -14.60 15.36
N LEU A 491 35.52 -14.57 14.58
CA LEU A 491 35.52 -13.84 13.31
C LEU A 491 34.78 -14.59 12.21
N LEU A 492 34.31 -15.81 12.47
CA LEU A 492 33.59 -16.59 11.49
C LEU A 492 32.08 -16.55 11.68
N PHE A 493 31.58 -15.78 12.66
CA PHE A 493 30.16 -15.50 12.75
C PHE A 493 29.66 -14.94 11.43
N SER A 494 28.63 -15.57 10.87
CA SER A 494 28.23 -15.26 9.50
C SER A 494 26.72 -15.38 9.37
N CYS A 495 26.07 -14.29 8.97
CA CYS A 495 24.66 -14.37 8.60
C CYS A 495 24.47 -15.24 7.36
N ALA A 496 25.37 -15.12 6.40
CA ALA A 496 25.27 -15.90 5.18
C ALA A 496 25.71 -17.34 5.43
N GLY A 497 25.25 -18.24 4.55
CA GLY A 497 25.59 -19.65 4.67
C GLY A 497 24.49 -20.48 5.26
N ALA A 498 24.15 -21.59 4.61
CA ALA A 498 23.09 -22.49 5.04
C ALA A 498 23.68 -23.84 5.38
N HIS A 499 23.32 -24.37 6.54
CA HIS A 499 23.75 -25.71 6.91
C HIS A 499 22.99 -26.73 6.07
N PRO A 500 23.67 -27.70 5.44
CA PRO A 500 22.96 -28.65 4.58
C PRO A 500 22.16 -29.71 5.33
N ARG A 501 22.39 -29.89 6.64
CA ARG A 501 21.75 -30.98 7.36
C ARG A 501 21.11 -30.51 8.66
N HIS A 502 21.69 -29.49 9.29
CA HIS A 502 21.30 -29.08 10.64
C HIS A 502 20.57 -27.75 10.61
N GLN A 503 20.09 -27.34 11.78
CA GLN A 503 19.47 -26.04 11.97
C GLN A 503 20.53 -25.04 12.45
N ARG A 504 20.42 -23.80 11.98
CA ARG A 504 21.31 -22.73 12.40
C ARG A 504 20.62 -21.87 13.44
N VAL A 505 21.33 -21.58 14.53
CA VAL A 505 20.86 -20.61 15.51
C VAL A 505 21.18 -19.22 14.97
N CYS A 506 20.13 -18.43 14.72
CA CYS A 506 20.28 -17.21 13.97
C CYS A 506 19.86 -15.99 14.79
N PRO A 507 20.72 -14.99 14.93
CA PRO A 507 20.32 -13.76 15.62
C PRO A 507 19.63 -12.78 14.69
N CYS A 508 18.36 -12.49 14.95
CA CYS A 508 17.62 -11.50 14.18
C CYS A 508 17.34 -10.27 15.03
N ARG A 509 16.88 -9.21 14.37
CA ARG A 509 16.48 -7.99 15.04
C ARG A 509 15.40 -7.32 14.22
N ASP A 510 14.61 -6.49 14.90
CA ASP A 510 13.63 -5.66 14.21
C ASP A 510 14.35 -4.55 13.45
N PHE A 511 13.58 -3.76 12.72
CA PHE A 511 14.12 -2.58 12.06
C PHE A 511 13.02 -1.55 11.89
N ILE A 512 13.41 -0.27 11.96
CA ILE A 512 12.49 0.80 11.64
C ILE A 512 12.00 0.62 10.22
N LYS A 513 10.69 0.79 10.02
CA LYS A 513 10.08 0.52 8.73
C LYS A 513 10.71 1.40 7.65
N GLY A 514 11.07 0.77 6.53
CA GLY A 514 11.77 1.47 5.47
C GLY A 514 13.20 1.86 5.79
N GLN A 515 13.73 1.40 6.94
CA GLN A 515 15.09 1.73 7.39
C GLN A 515 15.69 0.44 7.96
N VAL A 516 16.14 -0.44 7.06
CA VAL A 516 16.56 -1.78 7.44
C VAL A 516 17.81 -1.75 8.31
N ALA A 517 18.64 -0.71 8.19
CA ALA A 517 19.91 -0.67 8.90
C ALA A 517 19.77 -0.37 10.39
N LEU A 518 18.60 0.07 10.85
CA LEU A 518 18.43 0.53 12.22
C LEU A 518 17.31 -0.24 12.90
N CYS A 519 17.58 -0.76 14.09
CA CYS A 519 16.52 -1.30 14.92
C CYS A 519 15.71 -0.16 15.51
N LYS A 520 14.50 -0.50 15.99
CA LYS A 520 13.59 0.53 16.50
C LYS A 520 14.19 1.26 17.70
N ASP A 521 15.00 0.57 18.51
CA ASP A 521 15.65 1.16 19.67
C ASP A 521 17.08 1.59 19.37
N CYS A 522 17.44 1.72 18.10
CA CYS A 522 18.82 1.99 17.70
C CYS A 522 19.13 3.47 17.51
N LEU A 523 18.15 4.36 17.70
CA LEU A 523 18.39 5.78 17.50
C LEU A 523 19.19 6.38 18.66
N SER B 7 -29.45 20.87 26.15
CA SER B 7 -28.48 19.91 25.66
C SER B 7 -29.18 18.79 24.88
N LEU B 8 -30.49 18.92 24.71
CA LEU B 8 -31.26 17.96 23.93
C LEU B 8 -31.37 18.45 22.49
N ALA B 9 -31.23 17.51 21.55
CA ALA B 9 -31.36 17.85 20.14
C ALA B 9 -32.80 18.20 19.82
N GLU B 10 -32.99 19.26 19.05
CA GLU B 10 -34.30 19.70 18.60
C GLU B 10 -34.32 19.68 17.07
N ILE B 11 -35.37 19.06 16.50
CA ILE B 11 -35.49 18.97 15.06
C ILE B 11 -35.56 20.37 14.46
N ARG B 12 -34.88 20.55 13.33
CA ARG B 12 -34.94 21.79 12.58
C ARG B 12 -35.82 21.61 11.34
N THR B 13 -36.46 22.71 10.94
CA THR B 13 -37.33 22.73 9.76
C THR B 13 -36.94 23.86 8.81
N ASP B 14 -35.82 24.53 9.05
CA ASP B 14 -35.37 25.67 8.25
C ASP B 14 -33.90 25.45 7.90
N PHE B 15 -33.57 25.59 6.62
CA PHE B 15 -32.24 25.29 6.13
C PHE B 15 -31.32 26.51 6.05
N ASN B 16 -31.82 27.70 6.37
CA ASN B 16 -31.03 28.91 6.19
C ASN B 16 -29.80 28.95 7.10
N ILE B 17 -29.81 28.22 8.21
CA ILE B 17 -28.67 28.23 9.13
C ILE B 17 -27.65 27.16 8.76
N LEU B 18 -28.13 26.01 8.27
CA LEU B 18 -27.21 25.05 7.64
C LEU B 18 -26.45 25.72 6.51
N TYR B 19 -27.10 26.66 5.83
CA TYR B 19 -26.43 27.42 4.77
C TYR B 19 -25.29 28.26 5.34
N SER B 20 -25.53 28.91 6.48
CA SER B 20 -24.53 29.78 7.08
C SER B 20 -23.26 29.05 7.48
N MET B 21 -23.28 27.72 7.56
CA MET B 21 -22.09 26.95 7.91
C MET B 21 -21.31 26.46 6.69
N MET B 22 -21.99 26.21 5.59
CA MET B 22 -21.29 25.78 4.40
C MET B 22 -20.62 26.99 3.78
N HIS B 25 -17.38 28.80 1.80
CA HIS B 25 -17.40 28.78 0.34
C HIS B 25 -16.35 27.83 -0.26
N GLU B 26 -16.74 26.58 -0.44
CA GLU B 26 -16.19 25.75 -1.48
C GLU B 26 -17.25 25.72 -2.58
N GLU B 27 -17.15 24.78 -3.51
CA GLU B 27 -18.33 24.52 -4.31
C GLU B 27 -19.21 23.54 -3.54
N PHE B 28 -19.36 23.83 -2.24
CA PHE B 28 -20.56 23.48 -1.50
C PHE B 28 -21.80 24.00 -2.20
N ARG B 29 -21.64 25.08 -3.00
CA ARG B 29 -22.75 25.67 -3.72
C ARG B 29 -23.56 24.62 -4.46
N TRP B 30 -22.88 23.61 -5.01
CA TRP B 30 -23.57 22.50 -5.65
C TRP B 30 -24.46 21.76 -4.66
N MET B 31 -23.93 21.47 -3.48
CA MET B 31 -24.74 20.82 -2.44
C MET B 31 -25.86 21.75 -1.97
N ARG B 32 -25.50 22.98 -1.58
CA ARG B 32 -26.48 23.91 -1.01
C ARG B 32 -27.68 24.09 -1.92
N LEU B 33 -27.44 24.11 -3.24
CA LEU B 33 -28.54 24.14 -4.19
C LEU B 33 -29.40 22.89 -4.07
N ARG B 34 -28.75 21.72 -4.00
CA ARG B 34 -29.49 20.46 -3.94
C ARG B 34 -30.38 20.39 -2.71
N ILE B 35 -29.88 20.84 -1.56
CA ILE B 35 -30.71 20.91 -0.37
C ILE B 35 -31.88 21.87 -0.59
N ARG B 36 -31.56 23.12 -0.91
CA ARG B 36 -32.53 24.18 -1.17
C ARG B 36 -33.64 23.71 -2.10
N ARG B 37 -33.28 22.88 -3.09
CA ARG B 37 -34.29 22.31 -3.97
C ARG B 37 -35.06 21.20 -3.26
N MET B 38 -34.36 20.22 -2.68
CA MET B 38 -34.99 19.09 -2.01
C MET B 38 -35.63 19.46 -0.67
N ALA B 39 -35.63 20.75 -0.30
CA ALA B 39 -35.92 21.14 1.09
C ALA B 39 -37.26 20.62 1.57
N ASP B 40 -38.31 20.74 0.73
CA ASP B 40 -39.65 20.40 1.20
C ASP B 40 -39.79 18.91 1.49
N ALA B 41 -39.17 18.05 0.67
CA ALA B 41 -39.18 16.63 0.96
C ALA B 41 -38.46 16.31 2.25
N TRP B 42 -37.38 17.05 2.55
CA TRP B 42 -36.65 16.85 3.80
C TRP B 42 -37.51 17.22 5.01
N ILE B 43 -38.05 18.45 5.01
CA ILE B 43 -38.79 18.93 6.17
C ILE B 43 -40.05 18.09 6.40
N GLN B 44 -40.70 17.67 5.31
CA GLN B 44 -41.85 16.77 5.46
C GLN B 44 -41.42 15.43 6.04
N ALA B 45 -40.25 14.95 5.66
CA ALA B 45 -39.80 13.63 6.11
C ALA B 45 -39.43 13.64 7.58
N ILE B 46 -38.74 14.69 8.05
CA ILE B 46 -38.33 14.74 9.44
C ILE B 46 -39.54 14.92 10.36
N LYS B 47 -40.57 15.64 9.89
CA LYS B 47 -41.82 15.73 10.65
C LYS B 47 -42.53 14.39 10.68
N SER B 48 -42.62 13.71 9.53
CA SER B 48 -43.27 12.41 9.48
C SER B 48 -42.57 11.40 10.37
N LEU B 49 -41.24 11.44 10.41
CA LEU B 49 -40.50 10.53 11.27
C LEU B 49 -40.76 10.82 12.75
N ALA B 50 -40.88 12.11 13.10
CA ALA B 50 -41.14 12.48 14.49
C ALA B 50 -42.52 12.01 14.94
N GLU B 51 -43.45 11.83 14.01
CA GLU B 51 -44.78 11.32 14.34
C GLU B 51 -44.84 9.80 14.30
N LYS B 52 -44.13 9.18 13.36
CA LYS B 52 -44.07 7.72 13.31
C LYS B 52 -43.27 7.15 14.48
N GLN B 53 -42.43 7.95 15.11
CA GLN B 53 -41.34 7.41 15.91
C GLN B 53 -40.95 8.43 16.96
N ASN B 54 -40.48 7.94 18.11
CA ASN B 54 -40.11 8.80 19.23
C ASN B 54 -38.71 9.37 18.98
N LEU B 55 -38.64 10.67 18.70
CA LEU B 55 -37.38 11.36 18.52
C LEU B 55 -37.08 12.34 19.65
N GLU B 56 -37.79 12.25 20.76
CA GLU B 56 -37.59 13.12 21.90
C GLU B 56 -36.46 12.60 22.80
N LYS B 57 -35.96 13.48 23.65
CA LYS B 57 -34.97 13.14 24.67
C LYS B 57 -33.66 12.63 24.06
N ARG B 58 -33.34 13.07 22.85
CA ARG B 58 -32.06 12.76 22.24
C ARG B 58 -31.04 13.83 22.63
N LYS B 59 -29.86 13.39 23.06
CA LYS B 59 -28.82 14.33 23.46
C LYS B 59 -28.20 14.96 22.22
N ARG B 60 -28.17 16.29 22.18
CA ARG B 60 -27.52 16.99 21.09
C ARG B 60 -26.03 16.67 21.08
N LYS B 61 -25.52 16.29 19.91
CA LYS B 61 -24.12 15.91 19.76
C LYS B 61 -23.37 16.97 18.96
N LYS B 62 -22.16 17.29 19.40
CA LYS B 62 -21.25 18.09 18.61
C LYS B 62 -20.52 17.17 17.64
N VAL B 63 -20.66 17.44 16.34
CA VAL B 63 -20.24 16.53 15.29
C VAL B 63 -19.21 17.23 14.41
N LEU B 64 -18.11 16.54 14.12
CA LEU B 64 -17.14 16.98 13.14
C LEU B 64 -17.42 16.28 11.82
N VAL B 65 -17.47 17.06 10.74
CA VAL B 65 -17.71 16.53 9.39
C VAL B 65 -16.56 17.04 8.53
N HIS B 66 -15.49 16.24 8.42
CA HIS B 66 -14.31 16.62 7.67
C HIS B 66 -14.33 15.94 6.31
N LEU B 67 -14.56 16.71 5.26
CA LEU B 67 -14.60 16.19 3.89
C LEU B 67 -13.20 16.28 3.31
N GLY B 68 -12.41 15.21 3.53
CA GLY B 68 -11.13 15.11 2.87
C GLY B 68 -11.23 15.12 1.36
N LEU B 69 -12.41 14.76 0.83
CA LEU B 69 -12.67 14.83 -0.60
C LEU B 69 -12.39 16.21 -1.16
N LEU B 70 -12.76 17.26 -0.41
CA LEU B 70 -12.63 18.63 -0.89
C LEU B 70 -11.25 19.21 -0.69
N THR B 71 -10.44 18.64 0.20
CA THR B 71 -9.12 19.20 0.46
C THR B 71 -8.23 19.09 -0.77
N LYS B 72 -7.14 19.86 -0.75
CA LYS B 72 -6.26 19.94 -1.90
C LYS B 72 -5.47 18.64 -2.08
N GLU B 73 -5.23 17.90 -1.00
CA GLU B 73 -4.56 16.61 -1.10
C GLU B 73 -5.33 15.67 -2.01
N SER B 74 -6.65 15.56 -1.78
CA SER B 74 -7.50 14.87 -2.72
C SER B 74 -7.53 15.63 -4.05
N GLY B 75 -7.40 14.89 -5.14
CA GLY B 75 -7.42 15.52 -6.46
C GLY B 75 -8.79 15.95 -6.93
N PHE B 76 -9.82 15.80 -6.11
CA PHE B 76 -11.18 16.11 -6.53
C PHE B 76 -11.40 17.61 -6.63
N LYS B 77 -12.00 18.04 -7.72
CA LYS B 77 -12.59 19.36 -7.87
C LYS B 77 -13.83 19.13 -8.70
N ILE B 78 -14.93 19.80 -8.37
CA ILE B 78 -16.19 19.45 -9.01
C ILE B 78 -16.20 19.93 -10.46
N ALA B 79 -15.68 21.13 -10.72
CA ALA B 79 -15.73 21.68 -12.07
C ALA B 79 -14.97 20.82 -13.07
N GLU B 80 -13.86 20.20 -12.65
CA GLU B 80 -13.22 19.22 -13.54
C GLU B 80 -14.04 17.94 -13.62
N THR B 81 -14.72 17.58 -12.52
CA THR B 81 -15.62 16.42 -12.54
C THR B 81 -16.96 16.75 -13.20
N ALA B 82 -17.48 17.96 -12.97
CA ALA B 82 -18.70 18.40 -13.64
C ALA B 82 -18.45 18.90 -15.05
N PHE B 83 -17.18 19.12 -15.39
CA PHE B 83 -16.75 19.11 -16.79
C PHE B 83 -16.76 17.65 -17.21
N SER B 84 -15.77 16.89 -16.75
CA SER B 84 -15.44 15.60 -17.37
C SER B 84 -16.62 14.64 -17.38
N GLY B 85 -17.42 14.65 -16.32
CA GLY B 85 -18.52 13.70 -16.18
C GLY B 85 -18.29 12.57 -15.21
N GLY B 86 -17.40 12.75 -14.23
CA GLY B 86 -17.14 11.72 -13.27
C GLY B 86 -18.23 11.66 -12.19
N PRO B 87 -17.96 10.92 -11.12
CA PRO B 87 -18.98 10.72 -10.10
C PRO B 87 -19.22 11.95 -9.23
N LEU B 88 -20.49 12.13 -8.86
CA LEU B 88 -20.87 13.02 -7.76
C LEU B 88 -21.46 12.23 -6.60
N GLY B 89 -21.43 10.89 -6.65
CA GLY B 89 -22.12 10.09 -5.66
C GLY B 89 -21.65 10.36 -4.25
N GLU B 90 -20.33 10.41 -4.05
CA GLU B 90 -19.79 10.77 -2.75
C GLU B 90 -20.18 12.17 -2.34
N LEU B 91 -20.25 13.10 -3.31
CA LEU B 91 -20.77 14.43 -3.01
C LEU B 91 -22.23 14.38 -2.59
N VAL B 92 -23.03 13.58 -3.29
CA VAL B 92 -24.43 13.40 -2.90
C VAL B 92 -24.52 12.81 -1.51
N GLN B 93 -23.69 11.82 -1.20
CA GLN B 93 -23.72 11.19 0.11
C GLN B 93 -23.36 12.19 1.21
N TRP B 94 -22.25 12.91 1.03
CA TRP B 94 -21.86 13.94 1.99
C TRP B 94 -22.98 14.94 2.20
N SER B 95 -23.62 15.38 1.11
CA SER B 95 -24.70 16.35 1.22
C SER B 95 -25.85 15.81 2.05
N ASP B 96 -26.34 14.62 1.70
CA ASP B 96 -27.48 14.05 2.41
C ASP B 96 -27.14 13.69 3.86
N LEU B 97 -25.88 13.31 4.12
CA LEU B 97 -25.45 13.11 5.49
C LEU B 97 -25.48 14.42 6.27
N ILE B 98 -24.87 15.47 5.69
CA ILE B 98 -24.85 16.77 6.33
C ILE B 98 -26.28 17.28 6.57
N THR B 99 -27.15 17.07 5.59
CA THR B 99 -28.54 17.50 5.74
C THR B 99 -29.23 16.75 6.87
N SER B 100 -28.98 15.44 6.98
CA SER B 100 -29.64 14.64 8.00
C SER B 100 -29.18 15.04 9.40
N LEU B 101 -27.87 15.20 9.58
CA LEU B 101 -27.34 15.62 10.86
C LEU B 101 -27.90 16.96 11.30
N TYR B 102 -28.21 17.83 10.33
CA TYR B 102 -28.76 19.15 10.63
C TYR B 102 -30.23 19.06 11.00
N LEU B 103 -31.01 18.29 10.23
CA LEU B 103 -32.44 18.15 10.52
C LEU B 103 -32.68 17.48 11.86
N LEU B 104 -31.86 16.48 12.20
CA LEU B 104 -31.98 15.82 13.49
C LEU B 104 -31.57 16.72 14.65
N GLY B 105 -31.05 17.91 14.37
CA GLY B 105 -30.79 18.89 15.41
C GLY B 105 -29.42 18.85 16.03
N HIS B 106 -28.44 18.26 15.35
CA HIS B 106 -27.11 18.13 15.93
C HIS B 106 -26.24 19.34 15.58
N ASP B 107 -25.15 19.48 16.32
CA ASP B 107 -24.26 20.64 16.24
C ASP B 107 -23.10 20.28 15.33
N ILE B 108 -23.22 20.66 14.05
CA ILE B 108 -22.27 20.25 13.02
C ILE B 108 -21.14 21.26 12.93
N ARG B 109 -19.93 20.76 12.69
CA ARG B 109 -18.76 21.58 12.41
C ARG B 109 -18.17 21.09 11.10
N ILE B 110 -18.52 21.76 9.99
CA ILE B 110 -18.10 21.31 8.66
C ILE B 110 -16.67 21.79 8.42
N SER B 111 -15.77 20.86 8.13
CA SER B 111 -14.39 21.14 7.78
C SER B 111 -14.13 20.66 6.37
N ALA B 112 -13.45 21.49 5.57
CA ALA B 112 -13.11 21.15 4.20
C ALA B 112 -11.65 21.45 3.89
N SER B 113 -10.84 21.68 4.90
CA SER B 113 -9.42 21.96 4.71
C SER B 113 -8.68 21.55 5.98
N LEU B 114 -7.35 21.50 5.86
CA LEU B 114 -6.51 21.26 7.03
C LEU B 114 -6.65 22.38 8.05
N ALA B 115 -6.84 23.61 7.59
CA ALA B 115 -6.96 24.75 8.51
C ALA B 115 -8.23 24.64 9.36
N GLU B 116 -9.37 24.36 8.72
CA GLU B 116 -10.61 24.21 9.47
C GLU B 116 -10.57 23.00 10.38
N LEU B 117 -9.99 21.89 9.90
CA LEU B 117 -9.85 20.70 10.74
C LEU B 117 -8.97 20.99 11.95
N LYS B 118 -7.80 21.59 11.73
CA LYS B 118 -6.93 21.99 12.83
C LYS B 118 -7.64 22.91 13.80
N GLU B 119 -8.52 23.77 13.27
CA GLU B 119 -9.25 24.71 14.13
C GLU B 119 -10.26 23.99 15.00
N ILE B 120 -11.11 23.14 14.39
CA ILE B 120 -12.13 22.43 15.14
C ILE B 120 -11.49 21.49 16.16
N MET B 121 -10.37 20.88 15.80
CA MET B 121 -9.64 20.02 16.72
C MET B 121 -8.54 20.80 17.44
N ILE B 127 -16.59 20.15 22.78
CA ILE B 127 -15.85 18.91 22.65
C ILE B 127 -16.61 17.97 21.72
N VAL B 128 -15.90 17.43 20.73
CA VAL B 128 -16.54 16.68 19.65
C VAL B 128 -16.85 15.26 20.10
N GLU B 129 -18.03 14.77 19.71
CA GLU B 129 -18.52 13.45 20.09
C GLU B 129 -18.61 12.47 18.93
N LEU B 130 -18.79 12.95 17.70
CA LEU B 130 -18.86 12.10 16.52
C LEU B 130 -18.04 12.75 15.40
N ILE B 131 -17.42 11.90 14.58
CA ILE B 131 -16.54 12.36 13.51
C ILE B 131 -16.90 11.61 12.23
N TYR B 132 -17.51 12.31 11.29
CA TYR B 132 -17.75 11.79 9.95
C TYR B 132 -16.64 12.27 9.03
N ILE B 133 -16.04 11.35 8.29
CA ILE B 133 -14.79 11.60 7.57
C ILE B 133 -14.62 10.52 6.52
N ASP B 134 -13.78 10.79 5.54
CA ASP B 134 -13.39 9.79 4.55
C ASP B 134 -11.97 9.35 4.80
N ILE B 135 -11.56 8.29 4.09
CA ILE B 135 -10.23 7.71 4.32
C ILE B 135 -9.14 8.73 3.99
N VAL B 136 -9.32 9.52 2.93
CA VAL B 136 -8.39 10.59 2.63
C VAL B 136 -8.31 11.57 3.80
N GLY B 137 -9.47 11.93 4.36
CA GLY B 137 -9.47 12.82 5.51
C GLY B 137 -8.95 12.17 6.78
N LEU B 138 -9.13 10.84 6.90
CA LEU B 138 -8.65 10.14 8.09
C LEU B 138 -7.13 10.23 8.20
N ALA B 139 -6.42 10.11 7.07
CA ALA B 139 -4.99 10.33 7.08
C ALA B 139 -4.65 11.74 7.56
N GLN B 140 -5.34 12.75 7.01
CA GLN B 140 -5.11 14.12 7.46
C GLN B 140 -5.41 14.28 8.94
N PHE B 141 -6.49 13.63 9.42
CA PHE B 141 -6.83 13.65 10.84
C PHE B 141 -5.68 13.12 11.70
N LYS B 142 -5.04 12.05 11.23
CA LYS B 142 -3.98 11.41 12.00
C LYS B 142 -2.75 12.31 12.12
N LYS B 143 -2.37 12.98 11.04
CA LYS B 143 -1.20 13.86 11.09
C LYS B 143 -1.49 15.13 11.89
N THR B 144 -2.71 15.66 11.78
CA THR B 144 -3.03 16.91 12.48
C THR B 144 -3.04 16.72 13.99
N LEU B 145 -3.54 15.58 14.46
CA LEU B 145 -3.67 15.34 15.89
C LEU B 145 -2.46 14.62 16.49
N GLY B 146 -1.71 13.87 15.69
CA GLY B 146 -0.59 13.12 16.21
C GLY B 146 -1.03 11.83 16.85
N PRO B 147 -0.23 11.30 17.79
CA PRO B 147 -0.60 10.04 18.44
C PRO B 147 -1.92 10.10 19.18
N SER B 148 -2.35 11.30 19.59
CA SER B 148 -3.65 11.46 20.24
C SER B 148 -4.82 11.09 19.34
N TRP B 149 -4.58 10.89 18.05
CA TRP B 149 -5.69 10.59 17.14
C TRP B 149 -6.40 9.30 17.53
N VAL B 150 -5.67 8.33 18.10
CA VAL B 150 -6.30 7.08 18.51
C VAL B 150 -7.28 7.31 19.66
N HIS B 151 -7.12 8.39 20.43
CA HIS B 151 -8.08 8.70 21.49
C HIS B 151 -9.47 8.93 20.93
N TYR B 152 -9.55 9.41 19.68
CA TYR B 152 -10.82 9.74 19.05
C TYR B 152 -11.30 8.70 18.06
N GLN B 153 -10.54 7.61 17.88
CA GLN B 153 -10.80 6.74 16.74
C GLN B 153 -12.11 5.98 16.88
N CYS B 154 -12.59 5.79 18.12
CA CYS B 154 -13.88 5.12 18.30
C CYS B 154 -15.05 5.99 17.92
N MET B 155 -14.84 7.30 17.73
CA MET B 155 -15.87 8.20 17.27
C MET B 155 -15.89 8.35 15.74
N LEU B 156 -14.98 7.68 15.05
CA LEU B 156 -14.89 7.82 13.60
C LEU B 156 -16.01 7.04 12.91
N ARG B 157 -16.64 7.70 11.94
CA ARG B 157 -17.57 7.06 11.01
C ARG B 157 -17.05 7.38 9.62
N VAL B 158 -16.52 6.37 8.93
CA VAL B 158 -15.69 6.57 7.75
C VAL B 158 -16.52 6.28 6.51
N LEU B 159 -16.82 7.34 5.74
CA LEU B 159 -17.53 7.21 4.48
C LEU B 159 -16.62 6.53 3.48
N ASP B 160 -16.87 5.24 3.26
CA ASP B 160 -16.05 4.38 2.40
C ASP B 160 -17.01 3.70 1.43
N SER B 161 -17.11 4.23 0.22
CA SER B 161 -18.23 3.89 -0.67
C SER B 161 -18.25 2.42 -1.01
N PHE B 162 -17.09 1.85 -1.36
CA PHE B 162 -17.05 0.47 -1.84
C PHE B 162 -16.88 -0.55 -0.72
N GLY B 163 -16.65 -0.12 0.51
CA GLY B 163 -16.60 -1.05 1.62
C GLY B 163 -15.20 -1.57 1.89
N THR B 164 -14.94 -1.86 3.16
CA THR B 164 -13.67 -2.41 3.61
C THR B 164 -13.94 -3.74 4.33
N GLU B 165 -13.32 -4.80 3.84
CA GLU B 165 -13.54 -6.09 4.49
C GLU B 165 -12.46 -6.33 5.56
N PRO B 166 -12.81 -7.09 6.60
CA PRO B 166 -11.93 -7.19 7.78
C PRO B 166 -10.48 -7.55 7.50
N GLU B 167 -10.23 -8.42 6.51
CA GLU B 167 -8.85 -8.84 6.27
C GLU B 167 -7.98 -7.74 5.68
N PHE B 168 -8.59 -6.67 5.17
CA PHE B 168 -7.85 -5.51 4.70
C PHE B 168 -7.75 -4.40 5.74
N ASN B 169 -8.59 -4.46 6.79
CA ASN B 169 -8.58 -3.46 7.85
C ASN B 169 -7.61 -3.81 8.97
N HIS B 170 -7.39 -5.11 9.22
CA HIS B 170 -6.42 -5.57 10.22
C HIS B 170 -5.02 -5.43 9.63
N ALA B 171 -4.25 -4.46 10.13
CA ALA B 171 -2.98 -4.10 9.52
C ALA B 171 -2.04 -5.29 9.42
N ASN B 172 -1.78 -5.96 10.55
CA ASN B 172 -0.81 -7.06 10.56
C ASN B 172 -1.29 -8.22 9.70
N TYR B 173 -2.57 -8.55 9.75
CA TYR B 173 -3.08 -9.65 8.94
C TYR B 173 -3.00 -9.31 7.45
N ALA B 174 -3.35 -8.08 7.09
CA ALA B 174 -3.27 -7.67 5.68
C ALA B 174 -1.86 -7.81 5.15
N GLN B 175 -0.87 -7.35 5.93
CA GLN B 175 0.52 -7.43 5.49
C GLN B 175 0.97 -8.88 5.39
N SER B 176 0.48 -9.75 6.27
CA SER B 176 0.82 -11.16 6.18
C SER B 176 0.24 -11.83 4.95
N LYS B 177 -0.83 -11.26 4.38
CA LYS B 177 -1.44 -11.79 3.17
C LYS B 177 -0.92 -11.12 1.91
N GLY B 178 -0.06 -10.11 2.04
CA GLY B 178 0.43 -9.40 0.88
C GLY B 178 -0.53 -8.39 0.31
N HIS B 179 -1.53 -7.96 1.08
CA HIS B 179 -2.47 -6.96 0.60
C HIS B 179 -1.80 -5.59 0.57
N LYS B 180 -1.80 -4.96 -0.60
CA LYS B 180 -1.05 -3.73 -0.84
C LYS B 180 -1.92 -2.49 -0.79
N THR B 181 -3.17 -2.60 -0.36
CA THR B 181 -4.13 -1.51 -0.48
C THR B 181 -3.62 -0.27 0.26
N PRO B 182 -3.67 0.91 -0.37
CA PRO B 182 -3.41 2.15 0.36
C PRO B 182 -4.60 2.66 1.15
N TRP B 183 -5.76 2.01 1.04
CA TRP B 183 -6.99 2.48 1.68
C TRP B 183 -7.29 1.77 3.00
N GLY B 184 -6.60 0.68 3.30
CA GLY B 184 -6.93 -0.16 4.45
C GLY B 184 -5.99 0.02 5.62
N LYS B 185 -5.89 -1.03 6.44
CA LYS B 185 -4.94 -1.12 7.55
C LYS B 185 -5.21 -0.07 8.63
N TRP B 186 -6.46 0.33 8.82
CA TRP B 186 -6.77 1.34 9.83
C TRP B 186 -7.15 0.77 11.18
N ASN B 187 -7.30 -0.55 11.29
CA ASN B 187 -7.51 -1.25 12.57
C ASN B 187 -8.75 -0.75 13.29
N LEU B 188 -9.75 -0.28 12.55
CA LEU B 188 -11.00 0.13 13.17
C LEU B 188 -11.91 -1.08 13.37
N ASN B 189 -12.98 -0.87 14.11
CA ASN B 189 -14.11 -1.78 14.06
C ASN B 189 -14.74 -1.64 12.69
N PRO B 190 -14.76 -2.68 11.86
CA PRO B 190 -15.20 -2.51 10.46
C PRO B 190 -16.62 -1.97 10.33
N GLN B 191 -17.45 -2.08 11.36
CA GLN B 191 -18.75 -1.43 11.33
C GLN B 191 -18.66 0.08 11.32
N GLN B 192 -17.47 0.65 11.55
CA GLN B 192 -17.30 2.10 11.48
C GLN B 192 -17.20 2.61 10.05
N PHE B 193 -16.96 1.73 9.09
CA PHE B 193 -16.97 2.15 7.69
C PHE B 193 -18.41 2.22 7.19
N TYR B 194 -18.73 3.31 6.49
CA TYR B 194 -20.08 3.60 6.02
C TYR B 194 -20.08 3.52 4.50
N THR B 195 -20.88 2.59 3.94
CA THR B 195 -20.82 2.28 2.53
C THR B 195 -21.92 2.99 1.75
N MET B 196 -21.74 3.01 0.43
CA MET B 196 -22.68 3.67 -0.48
C MET B 196 -23.93 2.84 -0.69
N PHE B 197 -23.78 1.52 -0.76
CA PHE B 197 -24.87 0.58 -0.89
C PHE B 197 -24.67 -0.56 0.08
N PRO B 198 -25.78 -1.30 0.47
CA PRO B 198 -25.63 -2.38 1.46
C PRO B 198 -25.06 -3.66 0.85
N HIS B 199 -23.80 -3.60 0.41
CA HIS B 199 -23.14 -4.72 -0.22
C HIS B 199 -22.10 -5.39 0.67
N THR B 200 -21.80 -4.82 1.85
CA THR B 200 -20.74 -5.32 2.71
C THR B 200 -21.24 -5.30 4.16
N PRO B 201 -21.86 -6.41 4.61
CA PRO B 201 -22.41 -6.42 5.97
C PRO B 201 -21.38 -6.28 7.07
N ASP B 202 -20.09 -6.49 6.77
CA ASP B 202 -19.05 -6.17 7.74
C ASP B 202 -19.02 -4.69 8.07
N ASN B 203 -19.51 -3.84 7.16
CA ASN B 203 -19.57 -2.40 7.37
C ASN B 203 -21.01 -1.98 7.63
N SER B 204 -21.20 -0.70 7.88
CA SER B 204 -22.52 -0.10 7.98
C SER B 204 -22.91 0.48 6.63
N PHE B 205 -24.21 0.43 6.32
CA PHE B 205 -24.73 1.00 5.09
C PHE B 205 -25.21 2.42 5.38
N LEU B 206 -24.55 3.41 4.78
CA LEU B 206 -24.97 4.79 4.94
C LEU B 206 -25.90 5.23 3.82
N GLY B 207 -25.47 5.03 2.57
CA GLY B 207 -26.31 5.37 1.44
C GLY B 207 -26.48 6.87 1.26
N PHE B 208 -27.64 7.24 0.73
CA PHE B 208 -27.96 8.61 0.35
C PHE B 208 -29.46 8.64 0.05
N VAL B 209 -29.93 9.73 -0.53
CA VAL B 209 -31.33 9.90 -0.89
C VAL B 209 -31.44 9.97 -2.42
N VAL B 210 -32.32 9.14 -2.97
CA VAL B 210 -32.57 9.15 -4.42
C VAL B 210 -33.44 10.35 -4.74
N GLU B 211 -32.84 11.33 -5.41
CA GLU B 211 -33.44 12.65 -5.56
C GLU B 211 -34.66 12.61 -6.47
N GLN B 212 -35.59 13.56 -6.24
CA GLN B 212 -36.82 13.65 -7.03
C GLN B 212 -37.42 15.04 -6.86
N HIS B 213 -37.85 15.63 -7.97
CA HIS B 213 -38.47 16.94 -7.94
C HIS B 213 -39.99 16.85 -7.76
N ILE B 225 -48.51 12.86 -19.04
CA ILE B 225 -47.08 12.64 -18.86
C ILE B 225 -46.72 11.33 -19.57
N LYS B 226 -47.18 11.21 -20.81
CA LYS B 226 -47.03 9.97 -21.56
C LYS B 226 -45.57 9.71 -21.90
N ARG B 227 -45.09 8.52 -21.54
CA ARG B 227 -43.77 8.09 -21.97
C ARG B 227 -43.79 7.69 -23.44
N GLN B 228 -42.72 8.04 -24.15
CA GLN B 228 -42.51 7.53 -25.49
C GLN B 228 -41.48 6.41 -25.45
N ASN B 229 -41.43 5.63 -26.53
CA ASN B 229 -40.46 4.54 -26.66
C ASN B 229 -39.09 5.12 -26.98
N GLN B 230 -38.51 5.77 -25.98
CA GLN B 230 -37.18 6.35 -26.08
C GLN B 230 -36.31 5.81 -24.95
N SER B 231 -35.01 5.73 -25.22
CA SER B 231 -34.04 5.26 -24.24
C SER B 231 -33.02 6.35 -23.97
N LEU B 232 -32.43 6.30 -22.77
CA LEU B 232 -31.37 7.21 -22.37
C LEU B 232 -30.19 6.39 -21.90
N VAL B 233 -29.02 6.63 -22.47
CA VAL B 233 -27.84 5.83 -22.15
C VAL B 233 -27.19 6.36 -20.88
N TYR B 234 -26.86 5.45 -19.97
CA TYR B 234 -26.10 5.77 -18.76
C TYR B 234 -24.63 5.87 -19.14
N GLY B 235 -24.09 7.08 -19.13
CA GLY B 235 -22.70 7.25 -19.53
C GLY B 235 -22.38 8.66 -19.97
N LYS B 236 -21.68 9.39 -19.11
CA LYS B 236 -21.39 10.80 -19.33
C LYS B 236 -20.06 11.04 -20.04
N VAL B 237 -19.20 10.04 -20.09
CA VAL B 237 -17.89 10.15 -20.73
C VAL B 237 -17.91 9.36 -22.03
N ASP B 238 -17.32 9.94 -23.08
CA ASP B 238 -17.33 9.30 -24.39
C ASP B 238 -16.62 7.96 -24.37
N SER B 239 -15.61 7.78 -23.52
CA SER B 239 -14.84 6.55 -23.50
C SER B 239 -15.67 5.37 -23.00
N PHE B 240 -16.69 5.62 -22.18
CA PHE B 240 -17.53 4.54 -21.68
C PHE B 240 -18.27 3.85 -22.82
N TRP B 241 -18.53 4.57 -23.92
CA TRP B 241 -19.25 4.04 -25.06
C TRP B 241 -18.40 3.17 -25.97
N LYS B 242 -17.10 3.08 -25.72
CA LYS B 242 -16.19 2.38 -26.61
C LYS B 242 -16.63 0.93 -26.79
N ASN B 243 -16.86 0.53 -28.05
CA ASN B 243 -17.24 -0.81 -28.45
C ASN B 243 -18.64 -1.22 -28.01
N LYS B 244 -19.54 -0.26 -27.78
CA LYS B 244 -20.89 -0.55 -27.34
C LYS B 244 -21.91 -0.45 -28.47
N LYS B 245 -21.47 -0.23 -29.71
CA LYS B 245 -22.38 0.13 -30.79
C LYS B 245 -23.30 -1.03 -31.15
N ILE B 246 -22.77 -2.25 -31.21
CA ILE B 246 -23.59 -3.42 -31.50
C ILE B 246 -24.69 -3.57 -30.45
N TYR B 247 -24.35 -3.29 -29.19
CA TYR B 247 -25.34 -3.30 -28.12
C TYR B 247 -26.38 -2.21 -28.32
N LEU B 248 -25.93 -0.98 -28.61
CA LEU B 248 -26.86 0.12 -28.81
C LEU B 248 -27.69 -0.05 -30.08
N ASP B 249 -27.18 -0.80 -31.07
CA ASP B 249 -27.97 -1.09 -32.26
C ASP B 249 -29.23 -1.86 -31.91
N ILE B 250 -29.10 -2.87 -31.05
CA ILE B 250 -30.26 -3.67 -30.65
C ILE B 250 -31.34 -2.78 -30.06
N ILE B 251 -30.96 -1.88 -29.16
CA ILE B 251 -31.91 -0.98 -28.54
C ILE B 251 -32.47 0.01 -29.56
N HIS B 252 -31.61 0.51 -30.45
CA HIS B 252 -32.05 1.49 -31.45
C HIS B 252 -33.10 0.93 -32.39
N THR B 253 -33.20 -0.39 -32.51
CA THR B 253 -34.20 -0.98 -33.39
C THR B 253 -35.62 -0.67 -32.92
N TYR B 254 -35.82 -0.50 -31.61
CA TYR B 254 -37.14 -0.30 -31.03
C TYR B 254 -37.34 1.09 -30.44
N MET B 255 -36.29 1.71 -29.91
CA MET B 255 -36.39 3.01 -29.29
C MET B 255 -35.36 3.94 -29.90
N GLU B 256 -35.64 5.24 -29.83
CA GLU B 256 -34.59 6.21 -30.11
C GLU B 256 -33.67 6.29 -28.90
N VAL B 257 -32.39 6.49 -29.19
CA VAL B 257 -31.34 6.46 -28.18
C VAL B 257 -30.92 7.90 -27.88
N HIS B 258 -31.10 8.30 -26.63
CA HIS B 258 -30.70 9.62 -26.17
C HIS B 258 -29.48 9.50 -25.29
N ALA B 259 -28.79 10.63 -25.10
CA ALA B 259 -27.55 10.62 -24.35
C ALA B 259 -27.38 11.95 -23.64
N THR B 260 -26.50 11.95 -22.64
CA THR B 260 -26.02 13.14 -21.98
C THR B 260 -24.49 13.05 -21.92
N VAL B 261 -23.85 13.16 -23.09
CA VAL B 261 -22.40 13.01 -23.21
C VAL B 261 -21.76 14.39 -23.05
N TYR B 262 -20.59 14.39 -22.39
CA TYR B 262 -19.92 15.59 -21.91
C TYR B 262 -18.82 15.97 -22.90
N THR B 266 -16.99 12.30 -28.71
CA THR B 266 -18.17 12.01 -29.51
C THR B 266 -17.83 10.95 -30.54
N LYS B 267 -16.55 10.60 -30.62
CA LYS B 267 -16.09 9.62 -31.61
C LYS B 267 -16.71 8.23 -31.39
N ASN B 268 -17.15 7.92 -30.18
CA ASN B 268 -17.77 6.64 -29.88
C ASN B 268 -19.28 6.72 -29.75
N ILE B 269 -19.88 7.85 -30.13
CA ILE B 269 -21.33 8.04 -30.07
C ILE B 269 -21.89 7.78 -31.46
N PRO B 270 -22.74 6.76 -31.64
CA PRO B 270 -23.38 6.55 -32.94
C PRO B 270 -24.13 7.80 -33.39
N SER B 271 -24.16 8.01 -34.71
CA SER B 271 -24.72 9.24 -35.25
C SER B 271 -26.22 9.36 -34.98
N TYR B 272 -26.91 8.23 -34.84
CA TYR B 272 -28.35 8.27 -34.60
C TYR B 272 -28.71 8.67 -33.17
N VAL B 273 -27.73 8.85 -32.30
CA VAL B 273 -27.99 9.17 -30.90
C VAL B 273 -28.36 10.65 -30.78
N LYS B 274 -29.39 10.92 -29.98
CA LYS B 274 -29.81 12.29 -29.68
C LYS B 274 -29.09 12.70 -28.39
N ASN B 275 -27.92 13.30 -28.56
CA ASN B 275 -27.07 13.71 -27.44
C ASN B 275 -27.50 15.10 -26.98
N HIS B 276 -28.05 15.17 -25.77
CA HIS B 276 -28.45 16.44 -25.20
C HIS B 276 -27.30 17.20 -24.54
N GLY B 277 -26.09 16.65 -24.56
CA GLY B 277 -25.01 17.26 -23.79
C GLY B 277 -25.33 17.32 -22.31
N ILE B 278 -25.14 18.50 -21.71
CA ILE B 278 -25.21 18.62 -20.26
C ILE B 278 -26.53 19.23 -19.81
N LEU B 279 -27.19 18.53 -18.89
CA LEU B 279 -28.49 18.94 -18.35
C LEU B 279 -28.34 19.14 -16.85
N SER B 280 -29.00 20.16 -16.33
CA SER B 280 -29.12 20.32 -14.90
C SER B 280 -29.95 19.16 -14.33
N GLY B 281 -30.00 19.11 -13.00
CA GLY B 281 -30.74 18.04 -12.36
C GLY B 281 -32.20 17.99 -12.77
N ARG B 282 -32.86 19.16 -12.78
CA ARG B 282 -34.30 19.19 -12.99
C ARG B 282 -34.67 18.88 -14.44
N ASP B 283 -33.88 19.38 -15.40
CA ASP B 283 -34.16 19.06 -16.80
C ASP B 283 -33.91 17.59 -17.10
N LEU B 284 -32.92 16.99 -16.42
CA LEU B 284 -32.63 15.58 -16.62
C LEU B 284 -33.84 14.70 -16.29
N GLN B 285 -34.65 15.11 -15.33
CA GLN B 285 -35.73 14.25 -14.86
C GLN B 285 -36.96 14.33 -15.73
N PHE B 286 -37.27 15.52 -16.25
CA PHE B 286 -38.28 15.61 -17.29
C PHE B 286 -37.91 14.73 -18.48
N LEU B 287 -36.61 14.67 -18.81
CA LEU B 287 -36.15 13.70 -19.79
C LEU B 287 -36.38 12.28 -19.31
N LEU B 288 -36.05 12.01 -18.05
CA LEU B 288 -36.27 10.68 -17.50
C LEU B 288 -37.76 10.37 -17.40
N ARG B 289 -38.58 11.36 -17.06
CA ARG B 289 -40.02 11.15 -16.95
C ARG B 289 -40.62 10.70 -18.28
N GLU B 290 -40.03 11.11 -19.39
CA GLU B 290 -40.47 10.66 -20.71
C GLU B 290 -39.66 9.48 -21.23
N THR B 291 -38.60 9.09 -20.52
CA THR B 291 -37.76 7.97 -20.94
C THR B 291 -38.35 6.66 -20.43
N LYS B 292 -38.37 5.65 -21.30
CA LYS B 292 -38.86 4.33 -20.91
C LYS B 292 -37.75 3.41 -20.43
N LEU B 293 -36.52 3.61 -20.88
CA LEU B 293 -35.42 2.69 -20.57
C LEU B 293 -34.14 3.46 -20.36
N PHE B 294 -33.48 3.20 -19.23
CA PHE B 294 -32.17 3.77 -18.90
C PHE B 294 -31.12 2.70 -19.14
N VAL B 295 -30.19 2.97 -20.05
CA VAL B 295 -29.35 1.94 -20.65
C VAL B 295 -27.96 2.01 -20.02
N GLY B 296 -27.61 0.99 -19.25
CA GLY B 296 -26.27 0.90 -18.69
C GLY B 296 -25.30 0.31 -19.71
N LEU B 297 -24.07 0.84 -19.70
CA LEU B 297 -23.01 0.36 -20.59
C LEU B 297 -22.03 -0.57 -19.91
N GLY B 298 -22.17 -0.79 -18.60
CA GLY B 298 -21.24 -1.57 -17.82
C GLY B 298 -20.39 -0.76 -16.88
N PHE B 299 -20.28 0.55 -17.11
CA PHE B 299 -19.50 1.44 -16.29
C PHE B 299 -20.17 2.81 -16.33
N PRO B 300 -20.19 3.55 -15.22
CA PRO B 300 -19.58 3.31 -13.89
C PRO B 300 -20.33 2.31 -13.01
N TYR B 301 -19.62 1.80 -12.01
CA TYR B 301 -20.16 0.81 -11.09
C TYR B 301 -20.84 1.51 -9.91
N GLU B 302 -22.03 1.03 -9.56
CA GLU B 302 -22.71 1.38 -8.30
C GLU B 302 -22.81 2.89 -8.11
N GLY B 303 -23.39 3.56 -9.09
CA GLY B 303 -23.66 4.97 -9.00
C GLY B 303 -25.10 5.24 -8.61
N PRO B 304 -25.43 6.49 -8.29
CA PRO B 304 -26.82 6.81 -7.96
C PRO B 304 -27.73 6.92 -9.17
N ALA B 305 -27.19 7.15 -10.37
CA ALA B 305 -28.02 7.45 -11.53
C ALA B 305 -29.06 6.38 -11.85
N PRO B 306 -28.76 5.08 -11.82
CA PRO B 306 -29.83 4.10 -12.09
C PRO B 306 -31.01 4.19 -11.15
N LEU B 307 -30.77 4.51 -9.87
CA LEU B 307 -31.87 4.62 -8.92
C LEU B 307 -32.71 5.86 -9.22
N GLU B 308 -32.08 6.97 -9.60
CA GLU B 308 -32.83 8.17 -9.97
C GLU B 308 -33.73 7.90 -11.18
N ALA B 309 -33.23 7.12 -12.15
CA ALA B 309 -34.06 6.72 -13.28
C ALA B 309 -35.24 5.87 -12.81
N ILE B 310 -34.99 4.91 -11.93
CA ILE B 310 -36.05 4.02 -11.46
C ILE B 310 -37.08 4.80 -10.65
N ALA B 311 -36.61 5.76 -9.83
CA ALA B 311 -37.54 6.60 -9.09
C ALA B 311 -38.40 7.46 -10.01
N ASN B 312 -37.96 7.68 -11.25
CA ASN B 312 -38.73 8.40 -12.24
C ASN B 312 -39.50 7.47 -13.17
N GLY B 313 -39.54 6.18 -12.88
CA GLY B 313 -40.35 5.24 -13.62
C GLY B 313 -39.70 4.60 -14.83
N CYS B 314 -38.42 4.84 -15.06
CA CYS B 314 -37.72 4.16 -16.14
C CYS B 314 -37.28 2.77 -15.69
N ALA B 315 -37.31 1.83 -16.63
CA ALA B 315 -36.59 0.59 -16.42
C ALA B 315 -35.10 0.84 -16.57
N PHE B 316 -34.31 -0.08 -16.00
CA PHE B 316 -32.85 0.02 -16.07
C PHE B 316 -32.31 -1.26 -16.65
N LEU B 317 -31.64 -1.17 -17.79
CA LEU B 317 -30.96 -2.30 -18.41
C LEU B 317 -29.58 -2.42 -17.77
N ASN B 318 -29.38 -3.50 -17.02
CA ASN B 318 -28.23 -3.63 -16.12
C ASN B 318 -27.27 -4.70 -16.63
N PRO B 319 -26.12 -4.33 -17.20
CA PRO B 319 -25.21 -5.34 -17.75
C PRO B 319 -24.73 -6.31 -16.68
N LYS B 320 -24.87 -7.60 -16.98
CA LYS B 320 -24.44 -8.66 -16.07
C LYS B 320 -22.96 -8.95 -16.26
N PHE B 321 -22.27 -9.20 -15.16
CA PHE B 321 -20.84 -9.48 -15.17
C PHE B 321 -20.62 -10.96 -14.92
N ASN B 322 -20.14 -11.66 -15.95
CA ASN B 322 -19.73 -13.05 -15.81
C ASN B 322 -18.37 -13.22 -16.50
N PRO B 323 -17.32 -13.43 -15.71
CA PRO B 323 -17.34 -13.60 -14.25
C PRO B 323 -17.54 -12.29 -13.49
N PRO B 324 -18.02 -12.36 -12.26
CA PRO B 324 -18.17 -11.15 -11.45
C PRO B 324 -16.86 -10.41 -11.32
N LYS B 325 -16.94 -9.08 -11.29
CA LYS B 325 -15.76 -8.23 -11.24
C LYS B 325 -15.38 -7.95 -9.80
N SER B 326 -14.07 -7.95 -9.53
CA SER B 326 -13.55 -7.74 -8.19
C SER B 326 -12.16 -7.12 -8.29
N SER B 327 -11.55 -6.88 -7.14
CA SER B 327 -10.22 -6.29 -7.07
C SER B 327 -9.16 -7.22 -7.63
N LYS B 328 -9.57 -8.40 -8.09
CA LYS B 328 -8.64 -9.37 -8.66
C LYS B 328 -8.59 -9.25 -10.18
N ASN B 329 -9.75 -9.23 -10.84
CA ASN B 329 -9.84 -9.31 -12.29
C ASN B 329 -10.33 -8.01 -12.92
N THR B 330 -10.35 -6.91 -12.17
CA THR B 330 -10.81 -5.62 -12.69
C THR B 330 -9.97 -4.54 -12.06
N ASP B 331 -9.23 -3.80 -12.88
CA ASP B 331 -8.22 -2.88 -12.37
C ASP B 331 -8.81 -1.61 -11.78
N PHE B 332 -10.09 -1.31 -12.05
CA PHE B 332 -10.74 -0.22 -11.32
C PHE B 332 -10.77 -0.50 -9.82
N PHE B 333 -10.90 -1.77 -9.45
CA PHE B 333 -10.97 -2.17 -8.05
C PHE B 333 -9.62 -2.59 -7.47
N ILE B 334 -8.57 -2.64 -8.29
CA ILE B 334 -7.26 -3.04 -7.79
C ILE B 334 -6.78 -2.02 -6.77
N GLY B 335 -6.40 -2.52 -5.58
CA GLY B 335 -6.00 -1.67 -4.49
C GLY B 335 -7.11 -1.31 -3.53
N LYS B 336 -8.35 -1.67 -3.82
CA LYS B 336 -9.42 -1.39 -2.89
C LYS B 336 -9.44 -2.44 -1.77
N PRO B 337 -9.78 -2.04 -0.54
CA PRO B 337 -9.68 -2.92 0.63
C PRO B 337 -10.81 -3.95 0.75
N THR B 338 -11.08 -4.66 -0.36
CA THR B 338 -12.16 -5.63 -0.36
C THR B 338 -11.97 -6.59 -1.53
N LEU B 339 -12.39 -7.84 -1.32
CA LEU B 339 -12.45 -8.84 -2.37
C LEU B 339 -13.85 -9.02 -2.93
N ARG B 340 -14.78 -8.12 -2.58
CA ARG B 340 -16.17 -8.23 -3.00
C ARG B 340 -16.27 -8.31 -4.51
N GLU B 341 -17.19 -9.15 -4.98
CA GLU B 341 -17.42 -9.38 -6.41
C GLU B 341 -18.73 -8.73 -6.83
N LEU B 342 -18.67 -7.94 -7.90
CA LEU B 342 -19.86 -7.31 -8.46
C LEU B 342 -20.43 -8.22 -9.54
N THR B 343 -21.67 -8.68 -9.35
CA THR B 343 -22.33 -9.52 -10.32
C THR B 343 -22.92 -8.74 -11.49
N SER B 344 -23.01 -7.42 -11.38
CA SER B 344 -23.55 -6.59 -12.45
C SER B 344 -23.05 -5.17 -12.24
N GLN B 345 -23.36 -4.31 -13.21
CA GLN B 345 -22.94 -2.90 -13.11
C GLN B 345 -23.48 -2.26 -11.84
N HIS B 346 -24.71 -2.62 -11.44
CA HIS B 346 -25.34 -2.09 -10.23
C HIS B 346 -25.95 -3.25 -9.47
N PRO B 347 -25.15 -3.92 -8.63
CA PRO B 347 -25.68 -5.11 -7.92
C PRO B 347 -26.82 -4.81 -6.97
N TYR B 348 -26.86 -3.61 -6.38
CA TYR B 348 -27.99 -3.27 -5.51
C TYR B 348 -29.29 -3.25 -6.31
N ALA B 349 -29.30 -2.54 -7.43
CA ALA B 349 -30.49 -2.51 -8.29
C ALA B 349 -30.86 -3.91 -8.76
N GLU B 350 -29.85 -4.75 -9.01
CA GLU B 350 -30.11 -6.11 -9.49
C GLU B 350 -30.90 -6.92 -8.47
N VAL B 351 -30.42 -6.94 -7.23
CA VAL B 351 -30.92 -7.87 -6.22
C VAL B 351 -32.00 -7.25 -5.35
N PHE B 352 -31.84 -5.99 -4.96
CA PHE B 352 -32.76 -5.35 -4.02
C PHE B 352 -33.93 -4.67 -4.71
N ILE B 353 -33.91 -4.51 -6.03
CA ILE B 353 -35.05 -3.98 -6.75
C ILE B 353 -35.50 -5.03 -7.76
N GLY B 354 -34.65 -5.34 -8.73
CA GLY B 354 -34.92 -6.40 -9.68
C GLY B 354 -36.07 -6.08 -10.63
N ARG B 355 -36.59 -7.15 -11.22
CA ARG B 355 -37.68 -7.05 -12.18
C ARG B 355 -38.97 -6.61 -11.50
N PRO B 356 -39.80 -5.84 -12.20
CA PRO B 356 -39.70 -5.42 -13.60
C PRO B 356 -38.88 -4.15 -13.82
N HIS B 357 -38.42 -3.53 -12.74
CA HIS B 357 -37.73 -2.24 -12.87
C HIS B 357 -36.32 -2.42 -13.42
N VAL B 358 -35.65 -3.50 -13.04
CA VAL B 358 -34.26 -3.74 -13.42
C VAL B 358 -34.20 -5.01 -14.25
N TRP B 359 -33.57 -4.92 -15.42
CA TRP B 359 -33.38 -6.06 -16.31
C TRP B 359 -31.88 -6.33 -16.42
N THR B 360 -31.43 -7.34 -15.67
CA THR B 360 -30.01 -7.69 -15.61
C THR B 360 -29.72 -8.69 -16.72
N VAL B 361 -28.99 -8.24 -17.75
CA VAL B 361 -28.77 -9.03 -18.96
C VAL B 361 -27.29 -8.94 -19.36
N ASP B 362 -26.83 -9.96 -20.07
CA ASP B 362 -25.50 -9.94 -20.66
C ASP B 362 -25.53 -9.07 -21.91
N LEU B 363 -24.70 -8.01 -21.90
CA LEU B 363 -24.67 -7.04 -22.98
C LEU B 363 -24.36 -7.68 -24.33
N ASN B 364 -23.60 -8.77 -24.32
CA ASN B 364 -23.16 -9.43 -25.54
C ASN B 364 -24.09 -10.56 -25.97
N ASN B 365 -25.16 -10.82 -25.20
CA ASN B 365 -26.19 -11.79 -25.59
C ASN B 365 -27.28 -11.02 -26.31
N GLN B 366 -27.24 -11.03 -27.64
CA GLN B 366 -28.16 -10.21 -28.42
C GLN B 366 -29.62 -10.62 -28.18
N GLU B 367 -29.88 -11.92 -28.06
CA GLU B 367 -31.25 -12.37 -27.84
C GLU B 367 -31.75 -11.96 -26.47
N GLU B 368 -30.92 -12.09 -25.45
CA GLU B 368 -31.31 -11.65 -24.11
C GLU B 368 -31.61 -10.15 -24.09
N VAL B 369 -30.83 -9.37 -24.84
CA VAL B 369 -31.05 -7.93 -24.90
C VAL B 369 -32.32 -7.62 -25.68
N GLU B 370 -32.47 -8.24 -26.86
CA GLU B 370 -33.69 -8.07 -27.66
C GLU B 370 -34.93 -8.36 -26.83
N ASP B 371 -34.97 -9.54 -26.19
CA ASP B 371 -36.16 -9.95 -25.45
C ASP B 371 -36.45 -8.98 -24.31
N ALA B 372 -35.41 -8.48 -23.65
CA ALA B 372 -35.62 -7.50 -22.58
C ALA B 372 -36.23 -6.21 -23.12
N VAL B 373 -35.62 -5.66 -24.17
CA VAL B 373 -36.10 -4.40 -24.75
C VAL B 373 -37.54 -4.55 -25.23
N LYS B 374 -37.88 -5.70 -25.82
CA LYS B 374 -39.26 -5.92 -26.27
C LYS B 374 -40.21 -5.99 -25.09
N ALA B 375 -39.84 -6.74 -24.04
CA ALA B 375 -40.72 -6.89 -22.89
C ALA B 375 -40.84 -5.57 -22.11
N ILE B 376 -39.80 -4.75 -22.12
CA ILE B 376 -39.85 -3.47 -21.42
C ILE B 376 -40.83 -2.54 -22.12
N LEU B 377 -40.85 -2.55 -23.45
CA LEU B 377 -41.80 -1.73 -24.19
C LEU B 377 -43.24 -2.21 -23.98
N ASN B 378 -43.42 -3.49 -23.71
CA ASN B 378 -44.75 -4.10 -23.60
C ASN B 378 -45.24 -4.17 -22.16
N GLN B 379 -44.65 -3.40 -21.26
CA GLN B 379 -45.06 -3.38 -19.87
C GLN B 379 -45.10 -1.94 -19.37
N LYS B 380 -45.87 -1.73 -18.30
CA LYS B 380 -45.98 -0.44 -17.65
C LYS B 380 -45.57 -0.60 -16.19
N ILE B 381 -44.57 0.18 -15.77
CA ILE B 381 -44.06 0.11 -14.42
C ILE B 381 -44.31 1.44 -13.73
N GLU B 382 -44.34 1.40 -12.42
CA GLU B 382 -44.56 2.57 -11.60
C GLU B 382 -43.24 3.09 -11.07
N PRO B 383 -43.15 4.39 -10.77
CA PRO B 383 -41.98 4.90 -10.06
C PRO B 383 -41.77 4.15 -8.75
N TYR B 384 -40.55 3.67 -8.55
CA TYR B 384 -40.23 2.85 -7.39
C TYR B 384 -38.96 3.35 -6.74
N MET B 385 -38.93 3.32 -5.42
CA MET B 385 -37.79 3.76 -4.65
C MET B 385 -37.78 3.03 -3.32
N PRO B 386 -36.75 2.25 -3.03
CA PRO B 386 -36.70 1.54 -1.74
C PRO B 386 -36.71 2.53 -0.58
N TYR B 387 -37.33 2.12 0.52
CA TYR B 387 -37.52 3.02 1.65
C TYR B 387 -36.19 3.59 2.14
N GLU B 388 -35.14 2.77 2.16
CA GLU B 388 -33.86 3.21 2.68
C GLU B 388 -33.23 4.34 1.87
N PHE B 389 -33.69 4.56 0.64
CA PHE B 389 -33.16 5.63 -0.20
C PHE B 389 -34.10 6.82 -0.32
N THR B 390 -35.07 6.91 0.57
CA THR B 390 -35.91 8.10 0.69
C THR B 390 -35.39 8.98 1.82
N CYS B 391 -35.90 10.21 1.88
CA CYS B 391 -35.50 11.14 2.93
C CYS B 391 -35.81 10.58 4.31
N GLU B 392 -37.03 10.08 4.50
CA GLU B 392 -37.41 9.52 5.79
C GLU B 392 -36.60 8.26 6.10
N GLY B 393 -36.35 7.43 5.08
CA GLY B 393 -35.57 6.22 5.31
C GLY B 393 -34.16 6.50 5.76
N MET B 394 -33.49 7.47 5.12
CA MET B 394 -32.14 7.82 5.53
C MET B 394 -32.13 8.49 6.89
N LEU B 395 -33.12 9.36 7.15
CA LEU B 395 -33.21 10.00 8.46
C LEU B 395 -33.37 8.96 9.57
N GLN B 396 -34.23 7.97 9.36
CA GLN B 396 -34.38 6.91 10.34
C GLN B 396 -33.09 6.12 10.50
N ARG B 397 -32.40 5.84 9.39
CA ARG B 397 -31.20 5.03 9.44
C ARG B 397 -30.07 5.76 10.17
N ILE B 398 -29.79 7.00 9.78
CA ILE B 398 -28.67 7.71 10.40
C ILE B 398 -28.99 8.08 11.84
N ASN B 399 -30.27 8.32 12.17
CA ASN B 399 -30.64 8.60 13.55
C ASN B 399 -30.37 7.39 14.44
N ALA B 400 -30.70 6.20 13.96
CA ALA B 400 -30.44 4.98 14.72
C ALA B 400 -28.95 4.77 14.93
N PHE B 401 -28.15 5.02 13.89
CA PHE B 401 -26.70 4.93 14.01
C PHE B 401 -26.18 5.86 15.09
N ILE B 402 -26.64 7.11 15.08
CA ILE B 402 -26.17 8.10 16.04
C ILE B 402 -26.55 7.69 17.47
N GLU B 403 -27.78 7.20 17.65
CA GLU B 403 -28.27 6.92 18.99
C GLU B 403 -27.83 5.56 19.53
N LYS B 404 -27.42 4.64 18.67
CA LYS B 404 -27.21 3.25 19.09
C LYS B 404 -25.81 2.72 18.86
N GLN B 405 -25.07 3.22 17.86
CA GLN B 405 -23.73 2.72 17.57
C GLN B 405 -22.74 3.33 18.54
N ASP B 406 -22.17 2.49 19.41
CA ASP B 406 -21.17 2.90 20.38
C ASP B 406 -19.99 1.94 20.29
N PHE B 407 -18.87 2.42 19.75
CA PHE B 407 -17.65 1.63 19.62
C PHE B 407 -16.58 2.01 20.64
N CYS B 408 -16.93 2.83 21.63
CA CYS B 408 -15.94 3.38 22.54
C CYS B 408 -15.79 2.60 23.83
N HIS B 409 -16.84 1.93 24.30
CA HIS B 409 -16.79 1.17 25.56
C HIS B 409 -16.67 -0.32 25.31
N GLY B 410 -15.78 -0.70 24.40
CA GLY B 410 -15.47 -2.11 24.20
C GLY B 410 -16.34 -2.77 23.16
N GLN B 411 -16.44 -4.10 23.28
CA GLN B 411 -17.25 -4.87 22.34
C GLN B 411 -18.71 -4.43 22.40
N VAL B 412 -19.38 -4.60 21.28
CA VAL B 412 -20.63 -3.91 20.97
C VAL B 412 -21.82 -4.70 21.50
N MET B 413 -22.89 -3.97 21.88
CA MET B 413 -24.11 -4.57 22.39
C MET B 413 -25.35 -4.26 21.55
N TRP B 414 -25.22 -3.42 20.52
CA TRP B 414 -26.33 -3.14 19.61
C TRP B 414 -25.90 -3.48 18.17
N PRO B 415 -26.74 -4.19 17.41
CA PRO B 415 -28.12 -4.67 17.62
C PRO B 415 -28.27 -5.60 18.83
N PRO B 416 -29.47 -5.63 19.42
CA PRO B 416 -29.68 -6.47 20.61
C PRO B 416 -29.48 -7.94 20.28
N LEU B 417 -29.00 -8.69 21.28
CA LEU B 417 -28.75 -10.12 21.11
C LEU B 417 -29.98 -10.86 20.61
N SER B 418 -31.17 -10.39 21.00
CA SER B 418 -32.41 -11.10 20.70
C SER B 418 -32.69 -11.20 19.20
N ALA B 419 -31.96 -10.46 18.38
CA ALA B 419 -32.13 -10.52 16.93
C ALA B 419 -31.23 -11.55 16.26
N LEU B 420 -30.34 -12.19 17.01
CA LEU B 420 -29.40 -13.15 16.42
C LEU B 420 -30.14 -14.38 15.92
N GLN B 421 -29.87 -14.76 14.68
CA GLN B 421 -30.36 -16.00 14.09
C GLN B 421 -29.18 -16.71 13.46
N VAL B 422 -28.70 -17.77 14.09
CA VAL B 422 -27.48 -18.44 13.65
C VAL B 422 -27.80 -19.33 12.46
N LYS B 423 -27.00 -19.19 11.40
CA LYS B 423 -27.04 -20.06 10.23
C LYS B 423 -25.62 -20.53 9.96
N LEU B 424 -25.47 -21.80 9.61
CA LEU B 424 -24.16 -22.37 9.32
C LEU B 424 -23.98 -22.44 7.81
N ALA B 425 -23.11 -21.58 7.28
CA ALA B 425 -22.82 -21.62 5.85
C ALA B 425 -22.14 -22.92 5.48
N GLU B 426 -22.47 -23.44 4.30
CA GLU B 426 -21.84 -24.65 3.80
C GLU B 426 -20.49 -24.31 3.19
N PRO B 427 -19.62 -25.30 3.01
CA PRO B 427 -18.34 -25.06 2.34
C PRO B 427 -18.53 -24.36 1.00
N GLY B 428 -17.64 -23.40 0.73
CA GLY B 428 -17.77 -22.56 -0.45
C GLY B 428 -18.76 -21.42 -0.31
N GLN B 429 -19.50 -21.34 0.79
CA GLN B 429 -20.51 -20.32 1.02
C GLN B 429 -20.05 -19.41 2.16
N SER B 430 -20.10 -18.10 1.94
CA SER B 430 -19.69 -17.15 2.95
C SER B 430 -20.82 -16.90 3.95
N CYS B 431 -20.48 -16.20 5.03
CA CYS B 431 -21.51 -15.80 5.99
C CYS B 431 -22.42 -14.73 5.41
N LYS B 432 -21.88 -13.85 4.57
CA LYS B 432 -22.73 -12.89 3.85
C LYS B 432 -23.77 -13.61 3.01
N GLN B 433 -23.40 -14.75 2.41
CA GLN B 433 -24.31 -15.45 1.51
C GLN B 433 -25.40 -16.18 2.30
N VAL B 434 -25.02 -17.00 3.28
CA VAL B 434 -26.00 -17.87 3.93
C VAL B 434 -27.05 -17.06 4.69
N CYS B 435 -26.65 -15.91 5.25
CA CYS B 435 -27.63 -15.05 5.90
C CYS B 435 -28.64 -14.50 4.89
N GLN B 436 -28.15 -14.10 3.72
CA GLN B 436 -29.02 -13.45 2.74
C GLN B 436 -30.00 -14.44 2.13
N GLU B 437 -29.57 -15.68 1.88
CA GLU B 437 -30.46 -16.68 1.30
C GLU B 437 -31.63 -17.05 2.20
N SER B 438 -31.58 -16.68 3.49
CA SER B 438 -32.70 -16.81 4.39
C SER B 438 -33.41 -15.48 4.64
N GLN B 439 -33.27 -14.53 3.71
CA GLN B 439 -33.84 -13.19 3.83
C GLN B 439 -33.39 -12.49 5.11
N LEU B 440 -32.15 -12.76 5.52
CA LEU B 440 -31.52 -12.10 6.65
C LEU B 440 -30.27 -11.37 6.16
N ILE B 441 -29.50 -10.83 7.09
CA ILE B 441 -28.23 -10.18 6.77
C ILE B 441 -27.24 -10.49 7.88
N CYS B 442 -25.97 -10.66 7.50
CA CYS B 442 -24.93 -10.99 8.47
C CYS B 442 -24.71 -9.83 9.43
N GLU B 443 -24.70 -10.14 10.72
CA GLU B 443 -24.44 -9.14 11.76
C GLU B 443 -23.11 -9.45 12.43
N PRO B 444 -22.03 -8.73 12.10
CA PRO B 444 -20.71 -9.09 12.64
C PRO B 444 -20.57 -8.86 14.14
N SER B 445 -21.45 -8.06 14.76
CA SER B 445 -21.33 -7.83 16.19
C SER B 445 -21.75 -9.04 17.01
N PHE B 446 -22.43 -10.01 16.40
CA PHE B 446 -22.85 -11.23 17.08
C PHE B 446 -21.80 -12.33 17.02
N PHE B 447 -20.68 -12.12 16.30
CA PHE B 447 -19.64 -13.13 16.24
C PHE B 447 -19.10 -13.47 17.62
N GLN B 448 -19.10 -12.50 18.54
CA GLN B 448 -18.58 -12.71 19.88
C GLN B 448 -19.38 -13.73 20.67
N HIS B 449 -20.60 -14.04 20.23
CA HIS B 449 -21.46 -14.99 20.92
C HIS B 449 -21.45 -16.37 20.29
N LEU B 450 -20.51 -16.62 19.37
CA LEU B 450 -20.39 -17.89 18.68
C LEU B 450 -18.94 -18.39 18.68
N ASN B 451 -18.19 -18.11 19.75
CA ASN B 451 -16.75 -18.30 19.71
C ASN B 451 -16.22 -19.13 20.88
N LYS B 452 -16.99 -20.10 21.36
CA LYS B 452 -16.44 -21.06 22.32
C LYS B 452 -17.31 -22.30 22.34
N ASP B 453 -16.73 -23.39 22.88
CA ASP B 453 -17.38 -24.69 22.92
C ASP B 453 -18.80 -24.60 23.49
N LYS B 454 -18.94 -23.95 24.65
CA LYS B 454 -20.20 -23.96 25.37
C LYS B 454 -21.32 -23.31 24.55
N ASP B 455 -21.04 -22.12 24.01
CA ASP B 455 -22.07 -21.37 23.30
C ASP B 455 -22.60 -22.13 22.09
N MET B 456 -21.81 -23.04 21.53
CA MET B 456 -22.16 -23.65 20.26
C MET B 456 -23.34 -24.61 20.38
N LEU B 457 -23.44 -25.33 21.50
CA LEU B 457 -24.53 -26.27 21.67
C LEU B 457 -25.89 -25.60 21.58
N LYS B 458 -25.98 -24.33 22.01
CA LYS B 458 -27.23 -23.60 21.89
C LYS B 458 -27.72 -23.56 20.44
N TYR B 459 -26.81 -23.69 19.49
CA TYR B 459 -27.17 -23.63 18.07
C TYR B 459 -26.79 -24.91 17.34
N LYS B 460 -27.17 -26.06 17.90
CA LYS B 460 -27.09 -27.36 17.23
C LYS B 460 -25.69 -27.68 16.73
N VAL B 461 -24.67 -27.29 17.50
CA VAL B 461 -23.28 -27.58 17.16
C VAL B 461 -22.56 -28.02 18.43
N THR B 462 -22.03 -29.24 18.42
CA THR B 462 -21.20 -29.76 19.49
C THR B 462 -19.82 -30.08 18.96
N CYS B 463 -18.80 -29.68 19.73
CA CYS B 463 -17.40 -29.87 19.34
C CYS B 463 -16.79 -30.95 20.21
N GLN B 464 -16.36 -32.05 19.59
CA GLN B 464 -15.55 -33.02 20.30
C GLN B 464 -14.26 -32.37 20.80
N SER B 465 -13.51 -31.79 19.86
CA SER B 465 -12.30 -31.02 20.13
C SER B 465 -12.48 -29.62 19.59
N SER B 466 -11.59 -28.72 19.99
CA SER B 466 -11.61 -27.36 19.50
C SER B 466 -10.21 -26.79 19.60
N GLU B 467 -9.95 -25.78 18.77
CA GLU B 467 -8.68 -25.09 18.76
C GLU B 467 -8.93 -23.62 18.44
N LEU B 468 -7.86 -22.83 18.50
CA LEU B 468 -7.93 -21.41 18.18
C LEU B 468 -7.07 -21.12 16.96
N ALA B 469 -7.59 -20.27 16.08
CA ALA B 469 -6.86 -19.82 14.92
C ALA B 469 -7.16 -18.34 14.68
N LYS B 470 -6.16 -17.62 14.18
CA LYS B 470 -6.32 -16.22 13.80
C LYS B 470 -6.59 -16.22 12.30
N ASP B 471 -7.88 -16.24 11.96
CA ASP B 471 -8.33 -16.58 10.62
C ASP B 471 -9.69 -15.91 10.41
N ILE B 472 -9.87 -15.27 9.26
CA ILE B 472 -11.14 -14.60 8.99
C ILE B 472 -12.27 -15.58 8.69
N LEU B 473 -11.96 -16.85 8.51
CA LEU B 473 -12.94 -17.87 8.17
C LEU B 473 -13.55 -18.57 9.37
N VAL B 474 -13.11 -18.23 10.59
CA VAL B 474 -13.59 -18.90 11.79
C VAL B 474 -14.39 -17.93 12.65
N PRO B 475 -15.32 -18.43 13.50
CA PRO B 475 -15.64 -19.82 13.90
C PRO B 475 -16.12 -20.74 12.78
N SER B 476 -15.45 -21.88 12.64
CA SER B 476 -15.79 -22.90 11.65
C SER B 476 -16.09 -24.22 12.34
N PHE B 477 -16.82 -25.08 11.62
CA PHE B 477 -17.24 -26.37 12.16
C PHE B 477 -17.05 -27.45 11.11
N ASP B 478 -16.18 -28.42 11.40
CA ASP B 478 -15.99 -29.61 10.58
C ASP B 478 -17.06 -30.63 10.99
N PRO B 479 -18.10 -30.84 10.18
CA PRO B 479 -19.20 -31.71 10.63
C PRO B 479 -18.81 -33.18 10.71
N LYS B 480 -17.83 -33.62 9.92
CA LYS B 480 -17.43 -35.03 9.97
C LYS B 480 -16.73 -35.37 11.28
N ASN B 481 -15.61 -34.70 11.55
CA ASN B 481 -14.88 -34.91 12.78
C ASN B 481 -15.50 -34.20 13.97
N LYS B 482 -16.56 -33.42 13.76
CA LYS B 482 -17.21 -32.63 14.80
C LYS B 482 -16.19 -31.77 15.54
N HIS B 483 -15.33 -31.12 14.76
CA HIS B 483 -14.25 -30.28 15.26
C HIS B 483 -14.57 -28.83 15.00
N CYS B 484 -14.28 -27.97 15.99
CA CYS B 484 -14.55 -26.55 15.91
C CYS B 484 -13.24 -25.78 15.94
N VAL B 485 -13.12 -24.80 15.05
CA VAL B 485 -12.02 -23.85 15.06
C VAL B 485 -12.58 -22.49 15.43
N PHE B 486 -12.01 -21.86 16.46
CA PHE B 486 -12.54 -20.62 17.00
C PHE B 486 -11.56 -19.47 16.78
N GLN B 487 -12.09 -18.26 16.83
CA GLN B 487 -11.34 -17.06 16.48
C GLN B 487 -10.41 -16.64 17.61
N GLY B 488 -9.14 -16.45 17.28
CA GLY B 488 -8.14 -16.06 18.27
C GLY B 488 -7.77 -14.59 18.19
N ASP B 489 -8.24 -13.90 17.16
CA ASP B 489 -8.05 -12.46 17.00
C ASP B 489 -9.41 -11.86 16.69
N LEU B 490 -10.02 -11.21 17.69
CA LEU B 490 -11.40 -10.77 17.56
C LEU B 490 -11.58 -9.69 16.49
N LEU B 491 -10.50 -9.04 16.05
CA LEU B 491 -10.62 -8.09 14.95
C LEU B 491 -10.69 -8.78 13.59
N LEU B 492 -10.54 -10.10 13.55
CA LEU B 492 -10.58 -10.84 12.29
C LEU B 492 -11.94 -11.45 12.00
N PHE B 493 -12.94 -11.20 12.85
CA PHE B 493 -14.31 -11.61 12.55
C PHE B 493 -14.75 -11.03 11.22
N SER B 494 -15.29 -11.87 10.34
CA SER B 494 -15.56 -11.42 8.97
C SER B 494 -16.81 -12.11 8.43
N CYS B 495 -17.81 -11.30 8.05
CA CYS B 495 -18.93 -11.82 7.29
C CYS B 495 -18.46 -12.32 5.92
N ALA B 496 -17.55 -11.59 5.29
CA ALA B 496 -17.03 -12.01 4.00
C ALA B 496 -16.08 -13.21 4.16
N GLY B 497 -16.01 -14.02 3.11
CA GLY B 497 -15.12 -15.16 3.12
C GLY B 497 -15.83 -16.49 3.25
N ALA B 498 -15.52 -17.42 2.34
CA ALA B 498 -16.09 -18.75 2.34
C ALA B 498 -15.03 -19.77 2.71
N HIS B 499 -15.38 -20.70 3.58
CA HIS B 499 -14.45 -21.78 3.94
C HIS B 499 -14.50 -22.86 2.87
N PRO B 500 -13.35 -23.31 2.37
CA PRO B 500 -13.38 -24.32 1.31
C PRO B 500 -13.74 -25.71 1.80
N ARG B 501 -13.46 -26.03 3.07
CA ARG B 501 -13.57 -27.39 3.58
C ARG B 501 -14.79 -27.58 4.47
N HIS B 502 -14.91 -26.77 5.52
CA HIS B 502 -15.88 -27.00 6.58
C HIS B 502 -17.01 -25.97 6.51
N GLN B 503 -17.90 -26.05 7.49
CA GLN B 503 -18.97 -25.09 7.65
C GLN B 503 -18.50 -23.90 8.47
N ARG B 504 -19.04 -22.73 8.15
CA ARG B 504 -18.79 -21.52 8.92
C ARG B 504 -19.98 -21.24 9.82
N VAL B 505 -19.70 -20.96 11.09
CA VAL B 505 -20.74 -20.51 12.02
C VAL B 505 -20.97 -19.03 11.79
N CYS B 506 -22.17 -18.68 11.31
CA CYS B 506 -22.43 -17.34 10.82
C CYS B 506 -23.52 -16.66 11.63
N PRO B 507 -23.31 -15.42 12.07
CA PRO B 507 -24.35 -14.68 12.76
C PRO B 507 -25.20 -13.85 11.82
N CYS B 508 -26.51 -14.07 11.82
CA CYS B 508 -27.43 -13.33 10.98
C CYS B 508 -28.39 -12.54 11.86
N ARG B 509 -29.07 -11.58 11.24
CA ARG B 509 -30.11 -10.81 11.90
C ARG B 509 -31.19 -10.49 10.88
N ASP B 510 -32.41 -10.30 11.38
CA ASP B 510 -33.51 -9.82 10.56
C ASP B 510 -33.29 -8.36 10.20
N PHE B 511 -34.17 -7.82 9.36
CA PHE B 511 -34.10 -6.41 9.03
C PHE B 511 -35.48 -5.91 8.62
N ILE B 512 -35.76 -4.66 8.96
CA ILE B 512 -36.96 -4.00 8.45
C ILE B 512 -36.90 -3.97 6.93
N LYS B 513 -38.01 -4.32 6.29
CA LYS B 513 -38.00 -4.43 4.84
C LYS B 513 -37.87 -3.06 4.20
N GLY B 514 -37.00 -2.98 3.19
CA GLY B 514 -36.62 -1.71 2.63
C GLY B 514 -35.64 -0.92 3.47
N GLN B 515 -35.05 -1.53 4.49
CA GLN B 515 -34.17 -0.88 5.46
C GLN B 515 -33.28 -1.96 6.07
N VAL B 516 -32.33 -2.47 5.28
CA VAL B 516 -31.54 -3.62 5.70
C VAL B 516 -30.56 -3.27 6.81
N ALA B 517 -30.25 -1.99 7.00
CA ALA B 517 -29.28 -1.62 8.02
C ALA B 517 -29.80 -1.79 9.44
N LEU B 518 -31.11 -2.01 9.61
CA LEU B 518 -31.74 -2.00 10.92
C LEU B 518 -32.56 -3.26 11.12
N CYS B 519 -32.35 -3.93 12.26
CA CYS B 519 -33.22 -5.04 12.63
C CYS B 519 -34.55 -4.50 13.14
N LYS B 520 -35.54 -5.39 13.22
CA LYS B 520 -36.88 -4.96 13.64
C LYS B 520 -36.88 -4.43 15.06
N ASP B 521 -36.03 -4.98 15.93
CA ASP B 521 -35.92 -4.51 17.31
C ASP B 521 -34.82 -3.47 17.50
N CYS B 522 -34.30 -2.90 16.40
CA CYS B 522 -33.13 -2.04 16.46
C CYS B 522 -33.45 -0.57 16.63
N LEU B 523 -34.71 -0.18 16.54
CA LEU B 523 -35.07 1.23 16.65
C LEU B 523 -34.93 1.74 18.09
#